data_9FKU
#
_entry.id   9FKU
#
_cell.length_a   69.765
_cell.length_b   203.582
_cell.length_c   143.069
_cell.angle_alpha   90
_cell.angle_beta   90
_cell.angle_gamma   90
#
_symmetry.space_group_name_H-M   'C 2 2 21'
#
loop_
_entity.id
_entity.type
_entity.pdbx_description
1 polymer 'Arbitrium receptor'
2 polymer GLY-VAL-VAL-ARG-GLY-ALA
3 non-polymer (4S)-2-METHYL-2,4-PENTANEDIOL
4 non-polymer 'ACETATE ION'
5 water water
#
loop_
_entity_poly.entity_id
_entity_poly.type
_entity_poly.pdbx_seq_one_letter_code
_entity_poly.pdbx_strand_id
1 'polypeptide(L)'
;MELIRIAMKKDLENDNSLMNKWATVAGLKNPNPLYDFLNHDGKTFNEFSSIVNIVKSQYPDREYELMKDYCLNLDVKTKA
ARSALEYADANMFFEIEDALIDSMISCSNMKSKEYGKVYKIHRELSKGEIDVFEASANIGKQRIKTAEMNIFSKMLLMYD
CLNKGNFAPMMLLFQQIDLSEIKENRYLKNSFETRINVLLSNIYLNENNLELCREYAQKAISSTDTQRFLVFSYLTIGTS
YIFSDFNLSKQNYLIGLKFAKGNPGFEEFFKRNLSFLNNFWNKENEWINYDSDAVTDMQEVIFELINHKELSKALQLLNK
LEERDQNENELGFHYYLKGLITNEKEAFFKSVEYFKASQDKLSIKMPLIQLEKMGENPRLLKIITM
;
A,B
2 'polypeptide(L)' GVVRGA C,D
#
# COMPACT_ATOMS: atom_id res chain seq x y z
N MET A 1 13.77 -46.27 0.17
CA MET A 1 12.74 -46.41 -0.89
C MET A 1 11.40 -45.84 -0.42
N GLU A 2 10.83 -44.88 -1.15
CA GLU A 2 9.67 -44.18 -0.64
C GLU A 2 8.40 -44.99 -0.93
N LEU A 3 7.42 -44.84 -0.04
CA LEU A 3 6.17 -45.55 -0.08
C LEU A 3 5.41 -45.28 -1.38
N ILE A 4 5.45 -44.02 -1.86
CA ILE A 4 4.70 -43.65 -3.06
C ILE A 4 5.18 -44.47 -4.27
N ARG A 5 6.51 -44.64 -4.43
CA ARG A 5 7.07 -45.42 -5.51
C ARG A 5 6.60 -46.88 -5.45
N ILE A 6 6.53 -47.45 -4.23
CA ILE A 6 6.13 -48.84 -4.03
C ILE A 6 4.65 -49.01 -4.39
N ALA A 7 3.78 -48.12 -3.93
CA ALA A 7 2.33 -48.22 -4.18
C ALA A 7 1.99 -48.18 -5.67
N MET A 8 2.68 -47.31 -6.35
CA MET A 8 2.48 -47.14 -7.74
C MET A 8 2.77 -48.48 -8.44
N LYS A 9 3.99 -49.01 -8.26
CA LYS A 9 4.34 -50.29 -8.87
C LYS A 9 3.32 -51.40 -8.61
N LYS A 10 2.87 -51.55 -7.37
CA LYS A 10 1.88 -52.54 -7.00
C LYS A 10 0.58 -52.35 -7.78
N ASP A 11 0.13 -51.10 -7.93
CA ASP A 11 -1.06 -50.79 -8.70
C ASP A 11 -0.82 -50.99 -10.20
N LEU A 12 0.28 -50.51 -10.71
CA LEU A 12 0.62 -50.68 -12.09
C LEU A 12 0.74 -52.19 -12.45
N GLU A 13 0.96 -53.01 -11.43
CA GLU A 13 1.06 -54.47 -11.58
C GLU A 13 -0.20 -54.96 -12.25
N ASN A 14 -1.35 -54.52 -11.77
CA ASN A 14 -2.57 -54.90 -12.38
C ASN A 14 -3.20 -53.95 -13.46
N ASP A 15 -2.52 -52.91 -13.96
CA ASP A 15 -3.15 -51.98 -14.91
C ASP A 15 -2.10 -51.03 -15.51
N ASN A 16 -1.61 -51.32 -16.72
CA ASN A 16 -0.58 -50.53 -17.39
C ASN A 16 -1.14 -49.25 -18.03
N SER A 17 -2.48 -49.11 -18.10
CA SER A 17 -3.12 -47.88 -18.52
C SER A 17 -2.85 -46.76 -17.49
N LEU A 18 -2.62 -47.10 -16.21
CA LEU A 18 -2.35 -46.13 -15.14
C LEU A 18 -1.17 -45.21 -15.47
N MET A 19 -0.16 -45.74 -16.16
CA MET A 19 1.03 -45.01 -16.55
C MET A 19 0.70 -43.72 -17.32
N ASN A 20 -0.08 -43.85 -18.41
CA ASN A 20 -0.50 -42.69 -19.22
C ASN A 20 -1.36 -41.68 -18.45
N LYS A 21 -2.23 -42.17 -17.57
CA LYS A 21 -3.10 -41.33 -16.75
C LYS A 21 -2.24 -40.43 -15.86
N TRP A 22 -1.19 -41.03 -15.26
CA TRP A 22 -0.29 -40.35 -14.33
C TRP A 22 0.53 -39.27 -15.04
N ALA A 23 1.07 -39.60 -16.24
CA ALA A 23 1.82 -38.66 -17.05
C ALA A 23 0.99 -37.41 -17.37
N THR A 24 -0.27 -37.59 -17.77
CA THR A 24 -1.12 -36.44 -18.10
C THR A 24 -1.42 -35.65 -16.84
N VAL A 25 -1.87 -36.33 -15.76
CA VAL A 25 -2.15 -35.74 -14.44
C VAL A 25 -0.97 -34.91 -13.93
N ALA A 26 0.25 -35.43 -14.12
CA ALA A 26 1.47 -34.77 -13.65
C ALA A 26 1.93 -33.64 -14.57
N GLY A 27 1.27 -33.43 -15.71
CA GLY A 27 1.57 -32.35 -16.62
C GLY A 27 2.84 -32.63 -17.41
N LEU A 28 3.17 -33.91 -17.61
CA LEU A 28 4.37 -34.30 -18.33
C LEU A 28 4.07 -34.34 -19.82
N LYS A 29 5.10 -34.06 -20.64
CA LYS A 29 4.99 -34.12 -22.09
C LYS A 29 4.93 -35.60 -22.52
N ASN A 30 5.82 -36.42 -21.95
CA ASN A 30 5.95 -37.84 -22.23
C ASN A 30 6.05 -38.59 -20.90
N PRO A 31 5.91 -39.93 -20.88
CA PRO A 31 6.20 -40.72 -19.67
C PRO A 31 7.61 -40.84 -19.08
N ASN A 32 8.67 -40.29 -19.72
CA ASN A 32 10.05 -40.60 -19.35
C ASN A 32 10.41 -40.15 -17.93
N PRO A 33 10.12 -38.90 -17.48
CA PRO A 33 10.30 -38.51 -16.07
C PRO A 33 9.69 -39.46 -15.04
N LEU A 34 8.54 -40.05 -15.38
CA LEU A 34 7.79 -40.96 -14.50
C LEU A 34 8.47 -42.33 -14.42
N TYR A 35 8.98 -42.85 -15.54
CA TYR A 35 9.82 -44.05 -15.55
C TYR A 35 11.05 -43.85 -14.66
N ASP A 36 11.73 -42.70 -14.86
CA ASP A 36 12.90 -42.31 -14.10
C ASP A 36 12.57 -42.22 -12.60
N PHE A 37 11.44 -41.57 -12.30
CA PHE A 37 11.01 -41.38 -10.93
C PHE A 37 10.77 -42.73 -10.24
N LEU A 38 10.13 -43.68 -10.93
CA LEU A 38 9.75 -44.96 -10.33
C LEU A 38 10.98 -45.83 -10.06
N ASN A 39 11.96 -45.77 -10.96
CA ASN A 39 12.99 -46.79 -11.04
C ASN A 39 14.32 -46.33 -10.40
N HIS A 40 14.57 -45.03 -10.23
CA HIS A 40 15.89 -44.53 -9.83
C HIS A 40 15.74 -43.60 -8.63
N ASP A 41 16.49 -43.92 -7.55
CA ASP A 41 16.49 -43.17 -6.30
C ASP A 41 16.91 -41.72 -6.53
N GLY A 42 16.21 -40.80 -5.85
CA GLY A 42 16.55 -39.39 -5.88
C GLY A 42 16.12 -38.68 -7.16
N LYS A 43 15.39 -39.34 -8.07
CA LYS A 43 14.95 -38.64 -9.25
C LYS A 43 13.68 -37.89 -8.86
N THR A 44 13.75 -36.56 -8.90
CA THR A 44 12.62 -35.70 -8.60
C THR A 44 12.07 -35.20 -9.94
N PHE A 45 10.75 -34.94 -9.98
CA PHE A 45 10.16 -34.19 -11.07
C PHE A 45 10.69 -32.75 -11.03
N ASN A 46 10.69 -32.07 -12.19
CA ASN A 46 11.09 -30.67 -12.33
C ASN A 46 10.20 -29.77 -11.49
N GLU A 47 8.90 -30.11 -11.41
CA GLU A 47 7.95 -29.34 -10.62
C GLU A 47 7.23 -30.30 -9.66
N PHE A 48 7.09 -29.84 -8.41
CA PHE A 48 6.55 -30.62 -7.33
C PHE A 48 5.06 -30.94 -7.51
N SER A 49 4.36 -30.10 -8.30
CA SER A 49 2.99 -30.33 -8.77
C SER A 49 2.79 -31.76 -9.33
N SER A 50 3.82 -32.31 -9.96
CA SER A 50 3.76 -33.64 -10.57
C SER A 50 3.44 -34.72 -9.54
N ILE A 51 4.17 -34.78 -8.43
CA ILE A 51 3.94 -35.79 -7.42
C ILE A 51 2.65 -35.48 -6.65
N VAL A 52 2.36 -34.21 -6.36
CA VAL A 52 1.14 -33.86 -5.63
C VAL A 52 -0.09 -34.29 -6.44
N ASN A 53 -0.09 -34.00 -7.74
CA ASN A 53 -1.24 -34.29 -8.60
C ASN A 53 -1.46 -35.79 -8.69
N ILE A 54 -0.37 -36.57 -8.74
CA ILE A 54 -0.50 -38.03 -8.78
C ILE A 54 -1.14 -38.55 -7.50
N VAL A 55 -0.64 -38.06 -6.33
CA VAL A 55 -1.02 -38.59 -5.05
C VAL A 55 -2.51 -38.27 -4.86
N LYS A 56 -2.90 -37.03 -5.19
CA LYS A 56 -4.30 -36.60 -5.05
C LYS A 56 -5.24 -37.35 -5.97
N SER A 57 -4.79 -37.69 -7.19
CA SER A 57 -5.61 -38.36 -8.18
C SER A 57 -5.75 -39.84 -7.82
N GLN A 58 -4.60 -40.51 -7.61
CA GLN A 58 -4.57 -41.95 -7.42
C GLN A 58 -4.82 -42.36 -5.96
N TYR A 59 -4.36 -41.56 -4.99
CA TYR A 59 -4.32 -41.99 -3.60
C TYR A 59 -4.90 -40.93 -2.69
N PRO A 60 -6.09 -40.35 -2.97
CA PRO A 60 -6.57 -39.20 -2.18
C PRO A 60 -6.66 -39.52 -0.68
N ASP A 61 -7.03 -40.76 -0.35
CA ASP A 61 -7.15 -41.22 1.03
C ASP A 61 -5.79 -41.41 1.72
N ARG A 62 -4.66 -41.58 1.01
CA ARG A 62 -3.33 -41.83 1.61
C ARG A 62 -2.40 -40.58 1.52
N GLU A 63 -2.95 -39.36 1.30
CA GLU A 63 -2.10 -38.21 0.93
C GLU A 63 -1.01 -37.95 1.99
N TYR A 64 -1.43 -37.77 3.24
CA TYR A 64 -0.51 -37.39 4.32
C TYR A 64 0.60 -38.43 4.46
N GLU A 65 0.20 -39.73 4.60
CA GLU A 65 1.11 -40.82 4.79
C GLU A 65 2.18 -40.79 3.70
N LEU A 66 1.74 -40.73 2.42
CA LEU A 66 2.67 -40.88 1.34
C LEU A 66 3.59 -39.66 1.26
N MET A 67 3.00 -38.46 1.41
CA MET A 67 3.76 -37.23 1.28
C MET A 67 4.74 -37.02 2.45
N LYS A 68 4.34 -37.38 3.68
CA LYS A 68 5.24 -37.43 4.83
C LYS A 68 6.50 -38.23 4.53
N ASP A 69 6.31 -39.48 4.08
CA ASP A 69 7.42 -40.34 3.78
C ASP A 69 8.22 -39.78 2.60
N TYR A 70 7.53 -39.28 1.57
CA TYR A 70 8.23 -38.75 0.40
C TYR A 70 9.07 -37.54 0.79
N CYS A 71 8.46 -36.57 1.49
CA CYS A 71 9.09 -35.29 1.81
C CYS A 71 10.29 -35.48 2.75
N LEU A 72 10.16 -36.37 3.75
CA LEU A 72 11.21 -36.66 4.72
C LEU A 72 12.39 -37.40 4.09
N ASN A 73 12.20 -38.03 2.92
CA ASN A 73 13.29 -38.65 2.17
C ASN A 73 13.93 -37.76 1.11
N LEU A 74 13.45 -36.51 0.96
CA LEU A 74 14.05 -35.60 -0.01
C LEU A 74 15.42 -35.15 0.49
N ASP A 75 16.37 -34.98 -0.45
CA ASP A 75 17.60 -34.23 -0.23
C ASP A 75 17.20 -32.78 0.01
N VAL A 76 17.52 -32.25 1.20
CA VAL A 76 16.96 -30.98 1.65
C VAL A 76 17.61 -29.79 0.93
N LYS A 77 18.67 -30.04 0.15
CA LYS A 77 19.35 -29.02 -0.65
C LYS A 77 18.65 -28.78 -1.98
N THR A 78 17.60 -29.56 -2.32
CA THR A 78 16.98 -29.52 -3.63
C THR A 78 15.77 -28.56 -3.69
N LYS A 79 15.45 -28.16 -4.92
CA LYS A 79 14.21 -27.50 -5.28
C LYS A 79 12.99 -28.31 -4.80
N ALA A 80 13.08 -29.64 -4.94
CA ALA A 80 12.00 -30.49 -4.49
C ALA A 80 11.70 -30.26 -3.00
N ALA A 81 12.74 -30.18 -2.17
CA ALA A 81 12.60 -30.01 -0.72
C ALA A 81 12.04 -28.63 -0.37
N ARG A 82 12.52 -27.60 -1.07
CA ARG A 82 11.96 -26.26 -0.92
C ARG A 82 10.47 -26.20 -1.27
N SER A 83 10.08 -26.87 -2.36
CA SER A 83 8.68 -26.99 -2.75
C SER A 83 7.86 -27.76 -1.71
N ALA A 84 8.45 -28.83 -1.16
CA ALA A 84 7.84 -29.65 -0.12
C ALA A 84 7.56 -28.85 1.16
N LEU A 85 8.46 -27.91 1.50
CA LEU A 85 8.25 -27.06 2.66
C LEU A 85 7.04 -26.14 2.45
N GLU A 86 6.91 -25.55 1.25
CA GLU A 86 5.73 -24.78 0.91
C GLU A 86 4.47 -25.65 0.98
N TYR A 87 4.52 -26.86 0.39
CA TYR A 87 3.41 -27.79 0.45
C TYR A 87 2.99 -28.00 1.90
N ALA A 88 3.97 -28.37 2.74
CA ALA A 88 3.70 -28.71 4.13
C ALA A 88 3.13 -27.48 4.84
N ASP A 89 3.70 -26.29 4.63
CA ASP A 89 3.16 -25.09 5.32
C ASP A 89 1.77 -24.70 4.85
N ALA A 90 1.54 -24.75 3.52
CA ALA A 90 0.24 -24.41 2.94
C ALA A 90 -0.85 -25.32 3.51
N ASN A 91 -0.52 -26.62 3.66
CA ASN A 91 -1.47 -27.59 4.17
C ASN A 91 -1.54 -27.61 5.70
N MET A 92 -0.67 -26.87 6.40
CA MET A 92 -0.51 -26.91 7.84
C MET A 92 -0.20 -28.32 8.32
N PHE A 93 0.68 -29.03 7.59
CA PHE A 93 1.25 -30.28 8.03
C PHE A 93 2.50 -29.96 8.84
N PHE A 94 2.28 -29.52 10.08
CA PHE A 94 3.33 -28.97 10.94
C PHE A 94 4.45 -29.98 11.24
N GLU A 95 4.14 -31.28 11.40
CA GLU A 95 5.19 -32.26 11.63
C GLU A 95 6.13 -32.39 10.43
N ILE A 96 5.58 -32.35 9.20
CA ILE A 96 6.42 -32.41 8.01
C ILE A 96 7.25 -31.14 7.93
N GLU A 97 6.57 -30.00 8.06
CA GLU A 97 7.21 -28.70 7.94
C GLU A 97 8.36 -28.51 8.92
N ASP A 98 8.12 -28.76 10.20
CA ASP A 98 9.11 -28.56 11.24
C ASP A 98 10.33 -29.47 11.06
N ALA A 99 10.13 -30.70 10.55
CA ALA A 99 11.26 -31.61 10.27
C ALA A 99 12.08 -31.09 9.10
N LEU A 100 11.42 -30.60 8.04
CA LEU A 100 12.09 -30.02 6.89
C LEU A 100 12.83 -28.75 7.33
N ILE A 101 12.15 -27.86 8.08
CA ILE A 101 12.80 -26.65 8.60
C ILE A 101 14.09 -26.99 9.35
N ASP A 102 14.01 -27.92 10.30
CA ASP A 102 15.13 -28.26 11.17
C ASP A 102 16.30 -28.81 10.35
N SER A 103 16.04 -29.64 9.33
CA SER A 103 17.15 -30.15 8.51
C SER A 103 17.60 -29.14 7.44
N MET A 104 16.73 -28.20 7.03
CA MET A 104 17.11 -27.20 6.03
C MET A 104 17.99 -26.12 6.66
N ILE A 105 17.69 -25.73 7.90
CA ILE A 105 18.51 -24.76 8.62
C ILE A 105 19.97 -25.23 8.73
N SER A 106 20.19 -26.55 8.91
CA SER A 106 21.52 -27.13 9.10
C SER A 106 22.27 -27.41 7.79
N CYS A 107 21.63 -27.40 6.61
CA CYS A 107 22.30 -27.82 5.39
C CYS A 107 23.16 -26.67 4.84
N SER A 108 24.00 -26.99 3.86
CA SER A 108 24.95 -26.07 3.26
C SER A 108 24.42 -25.40 1.99
N ASN A 109 23.14 -25.62 1.62
CA ASN A 109 22.55 -24.94 0.47
C ASN A 109 21.93 -23.64 0.98
N MET A 110 22.35 -22.49 0.42
CA MET A 110 21.98 -21.18 0.97
C MET A 110 20.49 -20.88 0.76
N LYS A 111 19.91 -21.31 -0.37
CA LYS A 111 18.48 -21.13 -0.63
C LYS A 111 17.64 -21.96 0.32
N SER A 112 17.97 -23.25 0.46
CA SER A 112 17.27 -24.11 1.39
C SER A 112 17.39 -23.59 2.83
N LYS A 113 18.57 -23.09 3.21
CA LYS A 113 18.75 -22.51 4.52
C LYS A 113 17.83 -21.31 4.70
N GLU A 114 17.81 -20.40 3.71
CA GLU A 114 16.97 -19.21 3.78
C GLU A 114 15.50 -19.60 3.95
N TYR A 115 15.03 -20.55 3.12
CA TYR A 115 13.65 -21.00 3.23
C TYR A 115 13.38 -21.53 4.63
N GLY A 116 14.28 -22.36 5.16
CA GLY A 116 14.06 -22.94 6.48
C GLY A 116 13.95 -21.88 7.57
N LYS A 117 14.81 -20.88 7.55
CA LYS A 117 14.85 -19.82 8.55
C LYS A 117 13.59 -18.95 8.49
N VAL A 118 13.13 -18.62 7.29
CA VAL A 118 12.00 -17.72 7.12
C VAL A 118 10.69 -18.43 7.48
N TYR A 119 10.49 -19.68 7.07
CA TYR A 119 9.33 -20.45 7.48
C TYR A 119 9.35 -20.65 9.01
N LYS A 120 10.55 -20.78 9.60
CA LYS A 120 10.69 -20.89 11.05
C LYS A 120 10.20 -19.64 11.77
N ILE A 121 10.48 -18.46 11.22
CA ILE A 121 9.99 -17.20 11.78
C ILE A 121 8.46 -17.25 11.81
N HIS A 122 7.88 -17.68 10.68
CA HIS A 122 6.43 -17.81 10.57
C HIS A 122 5.89 -18.78 11.64
N ARG A 123 6.53 -19.94 11.78
CA ARG A 123 6.08 -20.95 12.73
C ARG A 123 6.18 -20.43 14.17
N GLU A 124 7.30 -19.79 14.50
CA GLU A 124 7.49 -19.21 15.83
C GLU A 124 6.46 -18.12 16.13
N LEU A 125 6.19 -17.24 15.14
CA LEU A 125 5.22 -16.15 15.35
C LEU A 125 3.82 -16.73 15.53
N SER A 126 3.43 -17.67 14.69
CA SER A 126 2.09 -18.22 14.75
C SER A 126 1.86 -18.99 16.05
N LYS A 127 2.87 -19.67 16.59
CA LYS A 127 2.76 -20.36 17.87
C LYS A 127 2.88 -19.43 19.08
N GLY A 128 3.28 -18.17 18.92
CA GLY A 128 3.44 -17.24 20.02
C GLY A 128 4.73 -17.48 20.79
N GLU A 129 5.73 -18.12 20.18
CA GLU A 129 7.09 -18.20 20.74
C GLU A 129 7.83 -16.88 20.59
N ILE A 130 7.47 -16.07 19.59
CA ILE A 130 7.98 -14.71 19.45
C ILE A 130 6.78 -13.80 19.21
N ASP A 131 7.01 -12.49 19.38
CA ASP A 131 6.01 -11.49 19.02
C ASP A 131 6.41 -10.92 17.66
N VAL A 132 5.55 -10.04 17.16
CA VAL A 132 5.66 -9.49 15.82
C VAL A 132 6.87 -8.59 15.70
N PHE A 133 7.27 -7.89 16.78
CA PHE A 133 8.47 -7.06 16.74
C PHE A 133 9.73 -7.91 16.59
N GLU A 134 9.83 -9.03 17.32
CA GLU A 134 10.94 -9.95 17.15
C GLU A 134 10.91 -10.60 15.76
N ALA A 135 9.72 -10.99 15.28
CA ALA A 135 9.61 -11.54 13.93
C ALA A 135 10.16 -10.55 12.90
N SER A 136 9.74 -9.28 12.98
CA SER A 136 10.26 -8.24 12.10
C SER A 136 11.78 -8.09 12.19
N ALA A 137 12.30 -7.99 13.42
CA ALA A 137 13.75 -7.92 13.61
C ALA A 137 14.46 -9.15 13.03
N ASN A 138 13.87 -10.33 13.23
CA ASN A 138 14.45 -11.56 12.71
C ASN A 138 14.48 -11.54 11.18
N ILE A 139 13.43 -11.02 10.53
CA ILE A 139 13.40 -10.89 9.09
C ILE A 139 14.56 -10.00 8.64
N GLY A 140 14.69 -8.81 9.25
CA GLY A 140 15.78 -7.88 8.93
C GLY A 140 17.17 -8.51 9.06
N LYS A 141 17.38 -9.21 10.19
CA LYS A 141 18.64 -9.88 10.45
C LYS A 141 18.94 -10.99 9.43
N GLN A 142 17.92 -11.62 8.84
CA GLN A 142 18.12 -12.75 7.94
C GLN A 142 18.77 -12.34 6.62
N ARG A 143 18.56 -11.07 6.17
CA ARG A 143 19.19 -10.61 4.93
C ARG A 143 18.79 -11.55 3.78
N ILE A 144 17.49 -11.57 3.52
CA ILE A 144 16.85 -12.48 2.56
C ILE A 144 17.33 -12.13 1.15
N LYS A 145 17.68 -13.13 0.33
CA LYS A 145 18.16 -12.90 -1.05
C LYS A 145 17.13 -13.32 -2.11
N THR A 146 16.22 -14.25 -1.82
CA THR A 146 15.28 -14.71 -2.84
C THR A 146 14.03 -13.84 -2.87
N ALA A 147 13.48 -13.68 -4.07
CA ALA A 147 12.20 -12.99 -4.22
C ALA A 147 11.10 -13.71 -3.44
N GLU A 148 11.14 -15.02 -3.40
CA GLU A 148 10.18 -15.84 -2.70
C GLU A 148 10.08 -15.59 -1.23
N MET A 149 11.21 -15.62 -0.55
CA MET A 149 11.22 -15.45 0.89
C MET A 149 11.02 -13.98 1.28
N ASN A 150 11.40 -13.05 0.39
CA ASN A 150 11.06 -11.63 0.59
C ASN A 150 9.54 -11.51 0.64
N ILE A 151 8.84 -12.14 -0.32
CA ILE A 151 7.37 -12.14 -0.33
C ILE A 151 6.79 -12.90 0.87
N PHE A 152 7.32 -14.10 1.17
CA PHE A 152 6.86 -14.91 2.29
C PHE A 152 7.01 -14.14 3.61
N SER A 153 8.08 -13.35 3.74
CA SER A 153 8.29 -12.56 4.94
C SER A 153 7.17 -11.52 5.12
N LYS A 154 6.62 -11.01 4.01
CA LYS A 154 5.49 -10.09 4.07
C LYS A 154 4.22 -10.86 4.41
N MET A 155 4.06 -12.04 3.81
CA MET A 155 2.88 -12.84 4.07
C MET A 155 2.81 -13.24 5.55
N LEU A 156 3.92 -13.64 6.17
CA LEU A 156 3.82 -14.13 7.56
C LEU A 156 3.37 -13.00 8.50
N LEU A 157 3.75 -11.76 8.20
CA LEU A 157 3.30 -10.58 8.95
C LEU A 157 1.81 -10.34 8.72
N MET A 158 1.34 -10.55 7.49
CA MET A 158 -0.06 -10.39 7.13
C MET A 158 -0.92 -11.43 7.85
N TYR A 159 -0.46 -12.70 7.94
CA TYR A 159 -1.21 -13.74 8.64
C TYR A 159 -1.38 -13.37 10.12
N ASP A 160 -0.30 -12.89 10.75
CA ASP A 160 -0.29 -12.49 12.14
C ASP A 160 -1.23 -11.30 12.39
N CYS A 161 -1.15 -10.27 11.54
CA CYS A 161 -2.07 -9.13 11.63
C CYS A 161 -3.53 -9.57 11.60
N LEU A 162 -3.86 -10.49 10.68
CA LEU A 162 -5.22 -10.98 10.57
C LEU A 162 -5.64 -11.72 11.86
N ASN A 163 -4.77 -12.61 12.35
CA ASN A 163 -5.03 -13.33 13.57
C ASN A 163 -5.15 -12.42 14.80
N LYS A 164 -4.42 -11.29 14.88
CA LYS A 164 -4.45 -10.44 16.06
C LYS A 164 -5.42 -9.27 15.93
N GLY A 165 -6.25 -9.23 14.89
CA GLY A 165 -7.25 -8.19 14.76
C GLY A 165 -6.65 -6.83 14.45
N ASN A 166 -5.46 -6.79 13.84
CA ASN A 166 -4.79 -5.56 13.49
C ASN A 166 -4.76 -5.45 11.97
N PHE A 167 -5.86 -4.95 11.36
CA PHE A 167 -6.06 -5.08 9.92
C PHE A 167 -5.33 -4.02 9.09
N ALA A 168 -5.02 -2.85 9.65
CA ALA A 168 -4.54 -1.72 8.86
C ALA A 168 -3.27 -2.02 8.09
N PRO A 169 -2.24 -2.70 8.64
CA PRO A 169 -1.01 -2.92 7.88
C PRO A 169 -1.17 -3.85 6.66
N MET A 170 -2.26 -4.66 6.63
CA MET A 170 -2.31 -5.78 5.70
C MET A 170 -2.27 -5.30 4.25
N MET A 171 -3.07 -4.30 3.87
CA MET A 171 -3.12 -3.77 2.52
C MET A 171 -1.78 -3.15 2.12
N LEU A 172 -1.08 -2.55 3.06
CA LEU A 172 0.21 -1.95 2.82
C LEU A 172 1.24 -3.03 2.48
N LEU A 173 1.26 -4.10 3.28
CA LEU A 173 2.12 -5.24 3.00
C LEU A 173 1.77 -5.88 1.65
N PHE A 174 0.49 -6.05 1.35
CA PHE A 174 0.08 -6.60 0.06
C PHE A 174 0.70 -5.82 -1.09
N GLN A 175 0.67 -4.48 -1.03
CA GLN A 175 1.19 -3.64 -2.09
C GLN A 175 2.68 -3.86 -2.32
N GLN A 176 3.42 -4.36 -1.33
CA GLN A 176 4.84 -4.63 -1.48
C GLN A 176 5.13 -5.94 -2.21
N ILE A 177 4.12 -6.77 -2.47
CA ILE A 177 4.35 -8.08 -3.08
C ILE A 177 4.21 -7.98 -4.59
N ASP A 178 5.16 -8.59 -5.32
CA ASP A 178 5.07 -8.76 -6.77
C ASP A 178 5.45 -10.21 -7.10
N LEU A 179 4.41 -11.05 -7.32
CA LEU A 179 4.58 -12.47 -7.58
C LEU A 179 5.36 -12.74 -8.88
N SER A 180 5.32 -11.78 -9.81
CA SER A 180 6.07 -11.90 -11.06
C SER A 180 7.57 -11.99 -10.83
N GLU A 181 8.07 -11.60 -9.65
CA GLU A 181 9.47 -11.71 -9.33
C GLU A 181 9.91 -13.15 -9.04
N ILE A 182 8.97 -14.07 -8.77
CA ILE A 182 9.29 -15.48 -8.52
C ILE A 182 9.53 -16.18 -9.88
N LYS A 183 10.76 -16.59 -10.17
CA LYS A 183 11.11 -17.15 -11.47
C LYS A 183 11.44 -18.64 -11.45
N GLU A 184 12.00 -19.16 -10.36
CA GLU A 184 12.59 -20.50 -10.39
C GLU A 184 11.46 -21.55 -10.36
N ASN A 185 10.45 -21.32 -9.54
CA ASN A 185 9.65 -22.40 -8.96
C ASN A 185 8.16 -22.13 -9.23
N ARG A 186 7.63 -22.73 -10.28
CA ARG A 186 6.24 -22.55 -10.67
C ARG A 186 5.26 -23.10 -9.63
N TYR A 187 5.62 -24.25 -9.01
CA TYR A 187 4.82 -24.85 -7.96
C TYR A 187 4.61 -23.83 -6.83
N LEU A 188 5.73 -23.25 -6.37
CA LEU A 188 5.64 -22.29 -5.28
C LEU A 188 4.93 -21.01 -5.71
N LYS A 189 5.19 -20.51 -6.91
CA LYS A 189 4.52 -19.29 -7.38
C LYS A 189 3.02 -19.49 -7.37
N ASN A 190 2.60 -20.64 -7.86
CA ASN A 190 1.20 -21.02 -7.90
C ASN A 190 0.54 -21.09 -6.52
N SER A 191 1.23 -21.75 -5.58
CA SER A 191 0.77 -21.85 -4.20
C SER A 191 0.63 -20.45 -3.57
N PHE A 192 1.65 -19.59 -3.78
CA PHE A 192 1.57 -18.20 -3.33
C PHE A 192 0.41 -17.42 -3.97
N GLU A 193 0.09 -17.68 -5.23
CA GLU A 193 -1.05 -17.01 -5.87
C GLU A 193 -2.32 -17.36 -5.10
N THR A 194 -2.49 -18.66 -4.76
CA THR A 194 -3.67 -19.03 -3.94
C THR A 194 -3.61 -18.34 -2.56
N ARG A 195 -2.46 -18.39 -1.89
CA ARG A 195 -2.33 -17.72 -0.61
C ARG A 195 -2.80 -16.26 -0.66
N ILE A 196 -2.38 -15.58 -1.72
CA ILE A 196 -2.65 -14.15 -1.88
C ILE A 196 -4.11 -13.91 -2.19
N ASN A 197 -4.74 -14.80 -2.96
CA ASN A 197 -6.17 -14.67 -3.17
C ASN A 197 -6.95 -14.68 -1.84
N VAL A 198 -6.59 -15.62 -0.94
CA VAL A 198 -7.30 -15.78 0.30
C VAL A 198 -6.96 -14.59 1.23
N LEU A 199 -5.69 -14.19 1.28
CA LEU A 199 -5.33 -12.97 2.04
C LEU A 199 -6.05 -11.74 1.52
N LEU A 200 -6.07 -11.55 0.19
CA LEU A 200 -6.72 -10.39 -0.40
C LEU A 200 -8.19 -10.43 -0.11
N SER A 201 -8.81 -11.62 -0.16
CA SER A 201 -10.22 -11.73 0.20
C SER A 201 -10.49 -11.17 1.60
N ASN A 202 -9.65 -11.52 2.58
CA ASN A 202 -9.75 -10.98 3.92
C ASN A 202 -9.52 -9.48 3.96
N ILE A 203 -8.55 -8.97 3.17
CA ILE A 203 -8.27 -7.54 3.13
C ILE A 203 -9.52 -6.78 2.71
N TYR A 204 -10.17 -7.28 1.63
CA TYR A 204 -11.36 -6.64 1.14
C TYR A 204 -12.53 -6.78 2.11
N LEU A 205 -12.64 -7.95 2.79
CA LEU A 205 -13.69 -8.17 3.79
C LEU A 205 -13.62 -7.08 4.85
N ASN A 206 -12.41 -6.84 5.37
CA ASN A 206 -12.21 -5.90 6.45
C ASN A 206 -12.33 -4.46 5.98
N GLU A 207 -12.13 -4.19 4.67
CA GLU A 207 -12.38 -2.88 4.07
CA GLU A 207 -12.38 -2.88 4.07
C GLU A 207 -13.84 -2.72 3.68
N ASN A 208 -14.70 -3.72 3.96
CA ASN A 208 -16.10 -3.61 3.57
C ASN A 208 -16.30 -3.50 2.05
N ASN A 209 -15.40 -4.12 1.26
CA ASN A 209 -15.58 -4.26 -0.18
CA ASN A 209 -15.49 -4.27 -0.18
C ASN A 209 -15.96 -5.70 -0.43
N LEU A 210 -17.19 -5.97 -0.07
CA LEU A 210 -17.76 -7.29 -0.14
C LEU A 210 -17.71 -8.04 -1.47
N GLU A 211 -17.91 -7.34 -2.56
CA GLU A 211 -17.86 -7.94 -3.87
C GLU A 211 -16.48 -8.45 -4.21
N LEU A 212 -15.46 -7.68 -3.91
CA LEU A 212 -14.11 -8.08 -4.17
C LEU A 212 -13.66 -9.16 -3.20
N CYS A 213 -14.16 -9.09 -1.98
CA CYS A 213 -13.89 -10.13 -0.99
C CYS A 213 -14.34 -11.47 -1.58
N ARG A 214 -15.58 -11.52 -2.02
CA ARG A 214 -16.14 -12.72 -2.59
C ARG A 214 -15.40 -13.14 -3.85
N GLU A 215 -15.04 -12.18 -4.68
CA GLU A 215 -14.33 -12.46 -5.89
C GLU A 215 -13.06 -13.27 -5.69
N TYR A 216 -12.26 -12.89 -4.72
CA TYR A 216 -10.96 -13.51 -4.51
C TYR A 216 -11.09 -14.84 -3.79
N ALA A 217 -12.05 -14.99 -2.89
CA ALA A 217 -12.29 -16.28 -2.24
C ALA A 217 -12.82 -17.31 -3.25
N GLN A 218 -13.79 -16.88 -4.07
CA GLN A 218 -14.36 -17.74 -5.11
C GLN A 218 -13.30 -18.12 -6.14
N LYS A 219 -12.40 -17.21 -6.46
CA LYS A 219 -11.28 -17.49 -7.32
C LYS A 219 -10.39 -18.59 -6.76
N ALA A 220 -10.01 -18.50 -5.48
CA ALA A 220 -9.20 -19.52 -4.82
C ALA A 220 -9.92 -20.86 -4.85
N ILE A 221 -11.23 -20.86 -4.57
CA ILE A 221 -12.01 -22.10 -4.51
C ILE A 221 -12.06 -22.74 -5.90
N SER A 222 -12.26 -21.93 -6.98
CA SER A 222 -12.43 -22.42 -8.33
C SER A 222 -11.27 -23.35 -8.73
N SER A 223 -10.03 -23.02 -8.39
CA SER A 223 -8.91 -23.81 -8.91
C SER A 223 -8.07 -24.57 -7.86
N THR A 224 -8.38 -24.52 -6.56
CA THR A 224 -7.55 -25.22 -5.57
C THR A 224 -8.19 -26.59 -5.27
N ASP A 225 -7.32 -27.51 -4.83
CA ASP A 225 -7.75 -28.76 -4.22
C ASP A 225 -7.18 -28.90 -2.80
N THR A 226 -6.69 -27.80 -2.21
CA THR A 226 -6.02 -27.85 -0.91
C THR A 226 -7.06 -27.51 0.13
N GLN A 227 -7.29 -28.41 1.09
CA GLN A 227 -8.28 -28.22 2.15
C GLN A 227 -8.14 -26.85 2.81
N ARG A 228 -6.92 -26.48 3.21
CA ARG A 228 -6.70 -25.23 3.93
C ARG A 228 -7.29 -24.02 3.18
N PHE A 229 -7.07 -23.93 1.86
CA PHE A 229 -7.51 -22.79 1.06
C PHE A 229 -9.00 -22.87 0.83
N LEU A 230 -9.55 -24.07 0.64
CA LEU A 230 -11.01 -24.25 0.57
C LEU A 230 -11.65 -23.76 1.87
N VAL A 231 -11.11 -24.19 3.00
CA VAL A 231 -11.68 -23.84 4.31
C VAL A 231 -11.71 -22.32 4.47
N PHE A 232 -10.56 -21.66 4.32
CA PHE A 232 -10.56 -20.23 4.63
C PHE A 232 -11.30 -19.40 3.59
N SER A 233 -11.39 -19.87 2.33
CA SER A 233 -12.17 -19.17 1.34
C SER A 233 -13.66 -19.26 1.69
N TYR A 234 -14.21 -20.43 2.00
CA TYR A 234 -15.62 -20.52 2.38
C TYR A 234 -15.91 -19.75 3.68
N LEU A 235 -14.97 -19.79 4.62
CA LEU A 235 -15.14 -19.04 5.87
C LEU A 235 -15.29 -17.55 5.56
N THR A 236 -14.42 -17.01 4.71
CA THR A 236 -14.38 -15.58 4.45
C THR A 236 -15.64 -15.17 3.67
N ILE A 237 -16.11 -16.03 2.77
CA ILE A 237 -17.33 -15.75 2.06
C ILE A 237 -18.52 -15.69 3.04
N GLY A 238 -18.58 -16.64 3.97
CA GLY A 238 -19.68 -16.71 4.92
C GLY A 238 -19.65 -15.46 5.81
N THR A 239 -18.46 -15.00 6.20
CA THR A 239 -18.37 -13.77 6.98
C THR A 239 -18.85 -12.55 6.20
N SER A 240 -18.58 -12.53 4.88
CA SER A 240 -19.00 -11.45 3.99
C SER A 240 -20.52 -11.28 3.97
N TYR A 241 -21.28 -12.29 4.37
CA TYR A 241 -22.74 -12.24 4.39
C TYR A 241 -23.33 -12.13 5.79
N ILE A 242 -22.50 -12.10 6.82
CA ILE A 242 -22.95 -12.31 8.19
C ILE A 242 -23.93 -11.21 8.62
N PHE A 243 -23.80 -9.98 8.08
CA PHE A 243 -24.62 -8.84 8.49
C PHE A 243 -25.69 -8.57 7.46
N SER A 244 -25.67 -9.22 6.29
CA SER A 244 -26.54 -8.91 5.18
C SER A 244 -27.46 -10.05 4.76
N ASP A 245 -27.06 -11.31 4.94
CA ASP A 245 -27.86 -12.42 4.40
C ASP A 245 -27.59 -13.68 5.19
N PHE A 246 -28.47 -13.93 6.16
CA PHE A 246 -28.37 -15.06 7.05
C PHE A 246 -28.21 -16.35 6.29
N ASN A 247 -29.09 -16.62 5.31
CA ASN A 247 -29.12 -17.90 4.62
C ASN A 247 -27.84 -18.12 3.81
N LEU A 248 -27.31 -17.10 3.14
CA LEU A 248 -26.08 -17.26 2.35
C LEU A 248 -24.86 -17.38 3.26
N SER A 249 -24.86 -16.68 4.40
CA SER A 249 -23.80 -16.81 5.38
C SER A 249 -23.73 -18.25 5.87
N LYS A 250 -24.86 -18.78 6.30
CA LYS A 250 -24.92 -20.12 6.83
C LYS A 250 -24.54 -21.12 5.76
N GLN A 251 -25.06 -20.95 4.55
CA GLN A 251 -24.73 -21.84 3.44
C GLN A 251 -23.22 -22.02 3.27
N ASN A 252 -22.52 -20.90 3.17
CA ASN A 252 -21.08 -20.89 2.96
C ASN A 252 -20.32 -21.45 4.14
N TYR A 253 -20.77 -21.17 5.39
CA TYR A 253 -20.12 -21.77 6.55
C TYR A 253 -20.34 -23.29 6.56
N LEU A 254 -21.53 -23.79 6.13
CA LEU A 254 -21.82 -25.21 6.21
C LEU A 254 -21.07 -25.97 5.14
N ILE A 255 -20.94 -25.39 3.93
CA ILE A 255 -20.08 -25.96 2.91
C ILE A 255 -18.65 -26.03 3.43
N GLY A 256 -18.14 -24.93 3.94
CA GLY A 256 -16.79 -24.92 4.50
C GLY A 256 -16.54 -25.96 5.59
N LEU A 257 -17.49 -26.10 6.53
CA LEU A 257 -17.43 -27.06 7.61
C LEU A 257 -17.33 -28.47 7.05
N LYS A 258 -18.08 -28.74 5.99
CA LYS A 258 -18.01 -30.01 5.30
C LYS A 258 -16.60 -30.23 4.73
N PHE A 259 -15.98 -29.22 4.11
CA PHE A 259 -14.57 -29.35 3.68
C PHE A 259 -13.59 -29.43 4.85
N ALA A 260 -13.94 -28.85 6.00
CA ALA A 260 -13.07 -28.95 7.18
C ALA A 260 -13.07 -30.33 7.88
N LYS A 261 -14.02 -31.20 7.56
CA LYS A 261 -14.29 -32.45 8.26
C LYS A 261 -13.02 -33.21 8.64
N GLY A 262 -12.90 -33.56 9.93
CA GLY A 262 -11.76 -34.33 10.39
C GLY A 262 -10.56 -33.49 10.85
N ASN A 263 -10.63 -32.16 10.74
CA ASN A 263 -9.56 -31.29 11.20
C ASN A 263 -10.20 -30.37 12.24
N PRO A 264 -10.03 -30.64 13.54
CA PRO A 264 -10.70 -29.84 14.57
C PRO A 264 -10.41 -28.36 14.54
N GLY A 265 -9.15 -27.99 14.21
CA GLY A 265 -8.78 -26.59 14.12
C GLY A 265 -9.57 -25.84 13.05
N PHE A 266 -9.72 -26.45 11.87
CA PHE A 266 -10.48 -25.85 10.82
C PHE A 266 -11.95 -25.85 11.15
N GLU A 267 -12.45 -26.95 11.72
CA GLU A 267 -13.87 -26.98 12.08
C GLU A 267 -14.21 -25.87 13.08
N GLU A 268 -13.29 -25.57 13.99
CA GLU A 268 -13.54 -24.59 15.03
C GLU A 268 -13.81 -23.17 14.47
N PHE A 269 -13.13 -22.75 13.39
CA PHE A 269 -13.44 -21.49 12.72
C PHE A 269 -14.92 -21.42 12.38
N PHE A 270 -15.47 -22.47 11.80
CA PHE A 270 -16.85 -22.47 11.34
C PHE A 270 -17.81 -22.49 12.53
N LYS A 271 -17.53 -23.31 13.54
CA LYS A 271 -18.34 -23.34 14.77
C LYS A 271 -18.43 -21.97 15.42
N ARG A 272 -17.28 -21.28 15.49
CA ARG A 272 -17.21 -19.96 16.07
C ARG A 272 -18.06 -18.96 15.27
N ASN A 273 -17.93 -18.96 13.93
CA ASN A 273 -18.66 -18.00 13.13
C ASN A 273 -20.15 -18.36 13.02
N LEU A 274 -20.48 -19.66 13.00
CA LEU A 274 -21.86 -20.11 13.06
C LEU A 274 -22.51 -19.70 14.39
N SER A 275 -21.77 -19.76 15.51
CA SER A 275 -22.27 -19.27 16.79
C SER A 275 -22.60 -17.79 16.69
N PHE A 276 -21.66 -17.02 16.17
CA PHE A 276 -21.86 -15.58 16.04
C PHE A 276 -23.06 -15.29 15.13
N LEU A 277 -23.10 -15.93 13.97
CA LEU A 277 -24.19 -15.72 13.03
C LEU A 277 -25.56 -15.94 13.67
N ASN A 278 -25.73 -17.11 14.30
CA ASN A 278 -27.00 -17.49 14.92
C ASN A 278 -27.34 -16.56 16.09
N ASN A 279 -26.35 -16.10 16.85
CA ASN A 279 -26.61 -15.13 17.91
C ASN A 279 -27.06 -13.80 17.30
N PHE A 280 -26.34 -13.31 16.30
CA PHE A 280 -26.60 -12.01 15.71
C PHE A 280 -28.02 -11.98 15.11
N TRP A 281 -28.49 -13.08 14.54
CA TRP A 281 -29.81 -13.11 13.92
C TRP A 281 -30.89 -13.65 14.85
N ASN A 282 -30.55 -13.94 16.11
CA ASN A 282 -31.45 -14.44 17.14
C ASN A 282 -32.12 -15.75 16.72
N LYS A 283 -31.31 -16.73 16.33
CA LYS A 283 -31.78 -18.03 15.92
C LYS A 283 -31.25 -19.06 16.90
N GLU A 284 -31.82 -20.25 16.82
CA GLU A 284 -31.39 -21.39 17.63
C GLU A 284 -29.96 -21.73 17.22
N ASN A 285 -29.14 -21.95 18.26
CA ASN A 285 -27.69 -21.94 18.12
C ASN A 285 -27.08 -23.20 18.73
N GLU A 286 -26.77 -24.20 17.90
CA GLU A 286 -26.20 -25.44 18.40
C GLU A 286 -24.67 -25.36 18.47
N TRP A 287 -24.04 -24.18 18.28
CA TRP A 287 -22.61 -24.13 17.98
C TRP A 287 -21.74 -23.66 19.15
N ILE A 288 -22.37 -23.27 20.24
CA ILE A 288 -21.71 -22.51 21.30
C ILE A 288 -20.73 -23.42 22.03
N ASN A 289 -19.57 -22.88 22.41
CA ASN A 289 -18.60 -23.61 23.23
C ASN A 289 -18.62 -23.07 24.65
N TYR A 290 -19.38 -23.77 25.54
CA TYR A 290 -19.58 -23.34 26.92
C TYR A 290 -18.38 -23.65 27.80
N ASP A 291 -17.51 -24.58 27.39
CA ASP A 291 -16.34 -24.97 28.18
C ASP A 291 -15.11 -24.08 27.97
N SER A 292 -14.97 -23.49 26.79
CA SER A 292 -13.78 -22.78 26.36
C SER A 292 -13.50 -21.55 27.23
N ASP A 293 -12.22 -21.28 27.49
CA ASP A 293 -11.83 -20.03 28.11
C ASP A 293 -11.25 -19.06 27.09
N ALA A 294 -11.46 -19.28 25.79
CA ALA A 294 -11.11 -18.28 24.79
C ALA A 294 -12.15 -17.14 24.85
N VAL A 295 -11.68 -15.89 24.84
CA VAL A 295 -12.58 -14.73 24.87
C VAL A 295 -13.68 -14.79 23.80
N THR A 296 -13.32 -15.18 22.57
CA THR A 296 -14.33 -15.20 21.50
C THR A 296 -15.46 -16.19 21.81
N ASP A 297 -15.14 -17.32 22.43
CA ASP A 297 -16.13 -18.33 22.78
C ASP A 297 -17.01 -17.85 23.92
N MET A 298 -16.40 -17.20 24.89
CA MET A 298 -17.11 -16.72 26.08
C MET A 298 -18.10 -15.61 25.68
N GLN A 299 -17.71 -14.82 24.69
CA GLN A 299 -18.56 -13.81 24.06
C GLN A 299 -19.86 -14.40 23.51
N GLU A 300 -19.81 -15.60 22.90
CA GLU A 300 -21.01 -16.19 22.34
C GLU A 300 -21.96 -16.72 23.38
N VAL A 301 -21.44 -17.22 24.53
CA VAL A 301 -22.26 -17.61 25.66
C VAL A 301 -23.06 -16.39 26.13
N ILE A 302 -22.36 -15.25 26.23
CA ILE A 302 -22.97 -13.99 26.67
C ILE A 302 -24.05 -13.55 25.67
N PHE A 303 -23.76 -13.60 24.40
CA PHE A 303 -24.70 -13.14 23.38
C PHE A 303 -25.96 -14.00 23.40
N GLU A 304 -25.81 -15.33 23.58
CA GLU A 304 -26.97 -16.18 23.77
C GLU A 304 -27.84 -15.74 24.95
N LEU A 305 -27.22 -15.45 26.09
CA LEU A 305 -27.94 -15.00 27.26
C LEU A 305 -28.72 -13.68 26.98
N ILE A 306 -28.10 -12.78 26.23
CA ILE A 306 -28.73 -11.53 25.83
C ILE A 306 -29.98 -11.81 25.01
N ASN A 307 -29.92 -12.74 24.06
CA ASN A 307 -31.11 -13.14 23.32
C ASN A 307 -32.17 -13.79 24.19
N HIS A 308 -31.79 -14.45 25.31
CA HIS A 308 -32.74 -15.04 26.24
C HIS A 308 -33.24 -14.01 27.28
N LYS A 309 -32.83 -12.74 27.20
CA LYS A 309 -33.20 -11.66 28.09
C LYS A 309 -32.69 -11.90 29.51
N GLU A 310 -31.55 -12.60 29.62
CA GLU A 310 -30.93 -12.93 30.90
C GLU A 310 -29.78 -11.93 31.11
N LEU A 311 -30.16 -10.66 31.25
CA LEU A 311 -29.20 -9.57 31.20
C LEU A 311 -28.27 -9.58 32.42
N SER A 312 -28.81 -9.92 33.58
CA SER A 312 -28.04 -9.96 34.82
C SER A 312 -26.95 -11.03 34.74
N LYS A 313 -27.29 -12.25 34.31
CA LYS A 313 -26.29 -13.29 34.04
C LYS A 313 -25.27 -12.88 32.96
N ALA A 314 -25.73 -12.27 31.86
CA ALA A 314 -24.84 -11.80 30.81
C ALA A 314 -23.83 -10.82 31.36
N LEU A 315 -24.30 -9.89 32.18
CA LEU A 315 -23.43 -8.87 32.77
C LEU A 315 -22.37 -9.51 33.67
N GLN A 316 -22.74 -10.48 34.49
CA GLN A 316 -21.77 -11.15 35.36
C GLN A 316 -20.67 -11.82 34.54
N LEU A 317 -21.02 -12.49 33.43
CA LEU A 317 -20.00 -13.11 32.57
C LEU A 317 -19.17 -12.07 31.83
N LEU A 318 -19.79 -10.96 31.38
CA LEU A 318 -19.10 -9.92 30.65
C LEU A 318 -18.02 -9.30 31.55
N ASN A 319 -18.36 -9.06 32.81
CA ASN A 319 -17.42 -8.52 33.79
C ASN A 319 -16.19 -9.39 33.97
N LYS A 320 -16.33 -10.71 33.97
CA LYS A 320 -15.19 -11.59 33.97
C LYS A 320 -14.25 -11.36 32.77
N LEU A 321 -14.80 -11.02 31.59
CA LEU A 321 -13.98 -10.76 30.40
C LEU A 321 -13.19 -9.44 30.49
N GLU A 322 -13.61 -8.51 31.34
CA GLU A 322 -12.85 -7.27 31.53
C GLU A 322 -11.49 -7.52 32.18
N GLU A 323 -11.29 -8.65 32.86
CA GLU A 323 -9.98 -9.00 33.37
C GLU A 323 -9.10 -9.68 32.32
N ARG A 324 -9.60 -10.00 31.12
CA ARG A 324 -8.88 -10.84 30.17
C ARG A 324 -8.19 -9.98 29.11
N ASP A 325 -7.04 -10.46 28.62
CA ASP A 325 -6.31 -9.83 27.54
C ASP A 325 -7.10 -10.07 26.28
N GLN A 326 -7.32 -8.99 25.53
CA GLN A 326 -8.12 -9.01 24.32
C GLN A 326 -7.47 -8.12 23.28
N ASN A 327 -7.55 -8.52 22.00
CA ASN A 327 -7.11 -7.65 20.92
C ASN A 327 -8.19 -6.60 20.64
N GLU A 328 -7.83 -5.59 19.81
CA GLU A 328 -8.69 -4.44 19.62
C GLU A 328 -9.98 -4.86 18.91
N ASN A 329 -9.91 -5.80 17.96
CA ASN A 329 -11.12 -6.28 17.30
C ASN A 329 -12.04 -7.02 18.29
N GLU A 330 -11.43 -7.83 19.19
CA GLU A 330 -12.23 -8.52 20.20
C GLU A 330 -12.91 -7.50 21.13
N LEU A 331 -12.21 -6.42 21.46
CA LEU A 331 -12.77 -5.33 22.26
C LEU A 331 -13.95 -4.64 21.58
N GLY A 332 -13.92 -4.50 20.25
CA GLY A 332 -15.11 -4.03 19.55
C GLY A 332 -16.35 -4.89 19.86
N PHE A 333 -16.18 -6.22 19.81
CA PHE A 333 -17.26 -7.14 20.14
C PHE A 333 -17.61 -7.00 21.63
N HIS A 334 -16.62 -6.90 22.52
CA HIS A 334 -16.85 -6.79 23.96
C HIS A 334 -17.82 -5.64 24.27
N TYR A 335 -17.49 -4.45 23.78
CA TYR A 335 -18.26 -3.25 24.04
C TYR A 335 -19.60 -3.25 23.31
N TYR A 336 -19.70 -3.93 22.18
CA TYR A 336 -21.00 -4.12 21.55
C TYR A 336 -21.93 -4.90 22.48
N LEU A 337 -21.43 -6.01 23.05
CA LEU A 337 -22.20 -6.81 23.99
C LEU A 337 -22.58 -5.96 25.20
N LYS A 338 -21.61 -5.21 25.70
CA LYS A 338 -21.83 -4.37 26.87
C LYS A 338 -22.98 -3.38 26.63
N GLY A 339 -22.97 -2.76 25.47
CA GLY A 339 -24.05 -1.89 25.00
C GLY A 339 -25.43 -2.54 25.00
N LEU A 340 -25.49 -3.75 24.43
CA LEU A 340 -26.73 -4.50 24.41
C LEU A 340 -27.23 -4.81 25.81
N ILE A 341 -26.33 -5.05 26.78
CA ILE A 341 -26.70 -5.39 28.15
C ILE A 341 -27.16 -4.13 28.90
N THR A 342 -26.38 -3.06 28.83
CA THR A 342 -26.52 -1.88 29.66
C THR A 342 -27.37 -0.79 29.01
N ASN A 343 -27.59 -0.82 27.70
CA ASN A 343 -28.24 0.25 26.96
C ASN A 343 -27.53 1.62 27.08
N GLU A 344 -26.22 1.63 27.35
CA GLU A 344 -25.44 2.85 27.49
C GLU A 344 -24.84 3.17 26.12
N LYS A 345 -25.12 4.39 25.62
CA LYS A 345 -24.51 4.88 24.39
C LYS A 345 -22.99 4.78 24.46
N GLU A 346 -22.41 5.07 25.62
CA GLU A 346 -20.96 5.05 25.78
C GLU A 346 -20.35 3.73 25.30
N ALA A 347 -20.97 2.61 25.68
CA ALA A 347 -20.36 1.33 25.30
C ALA A 347 -20.36 1.17 23.78
N PHE A 348 -21.42 1.63 23.10
CA PHE A 348 -21.48 1.55 21.65
C PHE A 348 -20.45 2.48 21.01
N PHE A 349 -20.25 3.67 21.59
CA PHE A 349 -19.19 4.55 21.09
C PHE A 349 -17.80 3.89 21.17
N LYS A 350 -17.48 3.27 22.32
CA LYS A 350 -16.21 2.55 22.47
C LYS A 350 -16.11 1.40 21.46
N SER A 351 -17.21 0.65 21.23
CA SER A 351 -17.24 -0.42 20.25
C SER A 351 -16.80 0.10 18.86
N VAL A 352 -17.39 1.26 18.46
CA VAL A 352 -17.09 1.95 17.23
C VAL A 352 -15.60 2.28 17.18
N GLU A 353 -15.07 2.82 18.27
CA GLU A 353 -13.67 3.24 18.32
C GLU A 353 -12.73 2.05 18.15
N TYR A 354 -13.02 0.94 18.84
CA TYR A 354 -12.17 -0.25 18.72
C TYR A 354 -12.23 -0.81 17.31
N PHE A 355 -13.40 -0.79 16.66
CA PHE A 355 -13.48 -1.24 15.28
C PHE A 355 -12.71 -0.31 14.33
N LYS A 356 -12.73 1.00 14.59
CA LYS A 356 -11.88 1.93 13.86
C LYS A 356 -10.40 1.61 14.07
N ALA A 357 -10.02 1.36 15.33
CA ALA A 357 -8.60 1.11 15.59
C ALA A 357 -8.13 -0.20 14.91
N SER A 358 -8.95 -1.25 14.91
CA SER A 358 -8.58 -2.49 14.22
C SER A 358 -8.74 -2.42 12.68
N GLN A 359 -9.30 -1.32 12.15
CA GLN A 359 -9.64 -1.10 10.75
C GLN A 359 -10.58 -2.19 10.28
N ASP A 360 -11.62 -2.42 11.09
CA ASP A 360 -12.69 -3.34 10.72
C ASP A 360 -13.86 -2.47 10.24
N LYS A 361 -14.00 -2.36 8.92
CA LYS A 361 -15.08 -1.57 8.33
C LYS A 361 -16.36 -2.40 8.14
N LEU A 362 -16.32 -3.70 8.44
CA LEU A 362 -17.50 -4.56 8.38
C LEU A 362 -18.24 -4.56 9.71
N SER A 363 -17.56 -4.99 10.80
CA SER A 363 -18.19 -5.24 12.09
C SER A 363 -18.74 -3.95 12.73
N ILE A 364 -18.16 -2.81 12.34
CA ILE A 364 -18.51 -1.49 12.88
C ILE A 364 -19.99 -1.19 12.67
N LYS A 365 -20.62 -1.82 11.67
CA LYS A 365 -22.04 -1.66 11.38
C LYS A 365 -22.88 -2.03 12.60
N MET A 366 -22.47 -3.00 13.41
CA MET A 366 -23.28 -3.47 14.51
C MET A 366 -23.53 -2.35 15.51
N PRO A 367 -22.51 -1.72 16.16
CA PRO A 367 -22.77 -0.64 17.09
C PRO A 367 -23.40 0.58 16.42
N LEU A 368 -23.10 0.83 15.14
CA LEU A 368 -23.70 1.99 14.46
C LEU A 368 -25.21 1.83 14.31
N ILE A 369 -25.68 0.64 13.95
CA ILE A 369 -27.11 0.34 13.95
C ILE A 369 -27.76 0.65 15.29
N GLN A 370 -27.13 0.26 16.41
CA GLN A 370 -27.71 0.49 17.71
C GLN A 370 -27.72 1.99 18.04
N LEU A 371 -26.66 2.69 17.66
CA LEU A 371 -26.68 4.16 17.86
C LEU A 371 -27.77 4.84 17.03
N GLU A 372 -28.03 4.37 15.80
CA GLU A 372 -29.12 4.92 15.01
C GLU A 372 -30.48 4.69 15.69
N LYS A 373 -30.67 3.52 16.28
CA LYS A 373 -31.88 3.21 17.05
C LYS A 373 -32.00 4.06 18.30
N MET A 374 -30.89 4.51 18.88
CA MET A 374 -30.89 5.35 20.06
C MET A 374 -30.94 6.85 19.70
N GLY A 375 -31.24 7.19 18.43
CA GLY A 375 -31.47 8.59 18.05
C GLY A 375 -30.23 9.38 17.64
N GLU A 376 -29.04 8.74 17.45
CA GLU A 376 -27.90 9.49 16.94
C GLU A 376 -28.11 9.79 15.45
N ASN A 377 -27.51 10.91 14.99
CA ASN A 377 -27.73 11.46 13.67
C ASN A 377 -27.30 10.44 12.63
N PRO A 378 -28.21 9.90 11.78
CA PRO A 378 -27.84 8.90 10.77
C PRO A 378 -26.78 9.37 9.78
N ARG A 379 -26.77 10.66 9.48
CA ARG A 379 -25.80 11.22 8.55
C ARG A 379 -24.37 11.02 9.07
N LEU A 380 -24.16 11.32 10.37
CA LEU A 380 -22.86 11.13 10.99
C LEU A 380 -22.50 9.66 11.04
N LEU A 381 -23.47 8.78 11.33
CA LEU A 381 -23.23 7.35 11.33
C LEU A 381 -22.86 6.84 9.92
N LYS A 382 -23.45 7.41 8.88
CA LYS A 382 -23.10 7.05 7.52
C LYS A 382 -21.67 7.50 7.17
N ILE A 383 -21.30 8.70 7.59
CA ILE A 383 -19.95 9.20 7.35
C ILE A 383 -18.92 8.30 8.02
N ILE A 384 -19.23 7.78 9.22
CA ILE A 384 -18.34 6.90 9.97
C ILE A 384 -18.09 5.59 9.23
N THR A 385 -19.02 5.14 8.36
CA THR A 385 -18.80 3.93 7.57
C THR A 385 -17.87 4.16 6.39
N MET A 386 -17.54 5.39 5.96
CA MET A 386 -16.84 5.63 4.69
C MET A 386 -15.35 5.17 4.67
N MET B 1 31.67 23.15 -29.57
CA MET B 1 31.99 22.96 -28.13
C MET B 1 30.84 23.55 -27.30
N GLU B 2 30.50 22.90 -26.19
CA GLU B 2 29.42 23.36 -25.32
C GLU B 2 29.98 24.52 -24.46
N LEU B 3 29.08 25.41 -24.04
CA LEU B 3 29.44 26.67 -23.39
C LEU B 3 30.17 26.42 -22.07
N ILE B 4 29.76 25.38 -21.33
CA ILE B 4 30.37 25.02 -20.06
C ILE B 4 31.87 24.72 -20.25
N ARG B 5 32.23 23.97 -21.30
CA ARG B 5 33.61 23.63 -21.60
C ARG B 5 34.43 24.87 -21.93
N ILE B 6 33.84 25.83 -22.66
CA ILE B 6 34.50 27.08 -23.04
C ILE B 6 34.82 27.87 -21.77
N ALA B 7 33.81 28.05 -20.91
CA ALA B 7 33.96 28.84 -19.69
C ALA B 7 35.01 28.25 -18.75
N MET B 8 35.00 26.93 -18.58
CA MET B 8 35.92 26.24 -17.68
C MET B 8 37.37 26.38 -18.14
N LYS B 9 37.62 26.27 -19.44
CA LYS B 9 38.95 26.50 -19.99
C LYS B 9 39.45 27.93 -19.77
N LYS B 10 38.63 28.93 -20.15
CA LYS B 10 38.85 30.36 -19.86
C LYS B 10 39.29 30.56 -18.42
N ASP B 11 38.49 30.04 -17.47
CA ASP B 11 38.70 30.24 -16.04
C ASP B 11 39.92 29.46 -15.55
N LEU B 12 40.13 28.24 -16.09
CA LEU B 12 41.25 27.39 -15.71
C LEU B 12 42.60 27.95 -16.17
N GLU B 13 42.68 28.63 -17.33
CA GLU B 13 43.97 29.18 -17.78
C GLU B 13 44.43 30.30 -16.85
N ASN B 14 43.50 30.98 -16.14
CA ASN B 14 43.78 32.00 -15.12
C ASN B 14 44.13 31.43 -13.73
N ASP B 15 43.70 30.19 -13.44
CA ASP B 15 43.72 29.66 -12.08
C ASP B 15 43.77 28.12 -12.12
N ASN B 16 44.99 27.54 -12.01
CA ASN B 16 45.20 26.09 -12.06
C ASN B 16 44.74 25.37 -10.78
N SER B 17 44.56 26.13 -9.67
CA SER B 17 43.93 25.62 -8.46
C SER B 17 42.51 25.10 -8.72
N LEU B 18 41.79 25.65 -9.71
CA LEU B 18 40.41 25.27 -10.03
C LEU B 18 40.27 23.78 -10.36
N MET B 19 41.29 23.17 -10.97
CA MET B 19 41.30 21.74 -11.25
C MET B 19 41.03 20.90 -10.00
N ASN B 20 41.77 21.10 -8.90
CA ASN B 20 41.54 20.34 -7.67
C ASN B 20 40.20 20.65 -7.01
N LYS B 21 39.76 21.91 -7.08
CA LYS B 21 38.46 22.31 -6.54
C LYS B 21 37.37 21.54 -7.31
N TRP B 22 37.48 21.46 -8.65
CA TRP B 22 36.42 20.86 -9.47
C TRP B 22 36.40 19.34 -9.31
N ALA B 23 37.59 18.73 -9.27
CA ALA B 23 37.76 17.31 -8.99
C ALA B 23 37.07 16.93 -7.67
N THR B 24 37.33 17.68 -6.59
CA THR B 24 36.74 17.40 -5.30
C THR B 24 35.22 17.59 -5.37
N VAL B 25 34.76 18.75 -5.86
CA VAL B 25 33.33 19.10 -6.02
C VAL B 25 32.59 18.01 -6.80
N ALA B 26 33.24 17.50 -7.86
CA ALA B 26 32.65 16.49 -8.73
C ALA B 26 32.71 15.08 -8.16
N GLY B 27 33.37 14.87 -7.01
CA GLY B 27 33.41 13.56 -6.35
C GLY B 27 34.36 12.62 -7.07
N LEU B 28 35.38 13.15 -7.75
CA LEU B 28 36.34 12.35 -8.48
C LEU B 28 37.46 11.93 -7.52
N LYS B 29 38.10 10.80 -7.82
CA LYS B 29 39.25 10.31 -7.07
C LYS B 29 40.47 11.19 -7.39
N ASN B 30 40.68 11.43 -8.69
CA ASN B 30 41.80 12.22 -9.21
C ASN B 30 41.26 13.18 -10.27
N PRO B 31 42.04 14.18 -10.73
CA PRO B 31 41.62 15.01 -11.88
C PRO B 31 41.47 14.42 -13.30
N ASN B 32 41.79 13.15 -13.55
CA ASN B 32 41.89 12.63 -14.92
C ASN B 32 40.57 12.65 -15.70
N PRO B 33 39.42 12.20 -15.14
CA PRO B 33 38.13 12.36 -15.84
C PRO B 33 37.82 13.80 -16.29
N LEU B 34 38.29 14.79 -15.50
CA LEU B 34 38.07 16.21 -15.75
C LEU B 34 38.95 16.71 -16.90
N TYR B 35 40.22 16.26 -16.95
CA TYR B 35 41.10 16.47 -18.10
C TYR B 35 40.43 15.95 -19.37
N ASP B 36 39.97 14.69 -19.32
CA ASP B 36 39.33 14.04 -20.46
C ASP B 36 38.08 14.80 -20.88
N PHE B 37 37.27 15.23 -19.90
CA PHE B 37 36.06 15.98 -20.17
C PHE B 37 36.36 17.30 -20.90
N LEU B 38 37.41 18.02 -20.48
CA LEU B 38 37.76 19.32 -21.07
C LEU B 38 38.32 19.18 -22.48
N ASN B 39 39.10 18.13 -22.74
CA ASN B 39 39.94 18.05 -23.93
C ASN B 39 39.35 17.18 -25.06
N HIS B 40 38.40 16.26 -24.77
CA HIS B 40 37.90 15.30 -25.74
C HIS B 40 36.37 15.41 -25.81
N ASP B 41 35.84 15.75 -27.00
CA ASP B 41 34.41 15.93 -27.23
C ASP B 41 33.67 14.63 -26.90
N GLY B 42 32.50 14.76 -26.25
CA GLY B 42 31.65 13.63 -25.94
C GLY B 42 32.14 12.78 -24.77
N LYS B 43 33.19 13.18 -24.03
CA LYS B 43 33.54 12.45 -22.82
C LYS B 43 32.60 12.88 -21.71
N THR B 44 31.82 11.95 -21.16
CA THR B 44 30.90 12.24 -20.06
C THR B 44 31.51 11.68 -18.77
N PHE B 45 31.17 12.32 -17.63
CA PHE B 45 31.51 11.75 -16.34
C PHE B 45 30.63 10.53 -16.09
N ASN B 46 31.15 9.58 -15.29
CA ASN B 46 30.45 8.38 -14.87
C ASN B 46 29.13 8.72 -14.17
N GLU B 47 29.14 9.81 -13.37
CA GLU B 47 27.95 10.26 -12.65
C GLU B 47 27.68 11.72 -13.03
N PHE B 48 26.42 11.99 -13.34
CA PHE B 48 26.02 13.29 -13.83
C PHE B 48 26.16 14.39 -12.77
N SER B 49 26.14 13.99 -11.48
CA SER B 49 26.42 14.86 -10.35
C SER B 49 27.74 15.63 -10.54
N SER B 50 28.73 15.03 -11.22
CA SER B 50 29.99 15.70 -11.52
C SER B 50 29.82 17.05 -12.22
N ILE B 51 29.09 17.05 -13.34
CA ILE B 51 28.92 18.27 -14.12
C ILE B 51 27.96 19.23 -13.41
N VAL B 52 26.91 18.72 -12.77
CA VAL B 52 25.95 19.59 -12.08
C VAL B 52 26.66 20.30 -10.94
N ASN B 53 27.44 19.56 -10.15
CA ASN B 53 28.11 20.11 -8.98
C ASN B 53 29.10 21.20 -9.40
N ILE B 54 29.82 21.01 -10.51
CA ILE B 54 30.71 22.03 -11.02
C ILE B 54 29.95 23.29 -11.43
N VAL B 55 28.86 23.13 -12.20
CA VAL B 55 28.09 24.26 -12.71
C VAL B 55 27.52 25.07 -11.53
N LYS B 56 26.91 24.38 -10.56
CA LYS B 56 26.32 25.00 -9.38
C LYS B 56 27.37 25.72 -8.50
N SER B 57 28.55 25.14 -8.36
CA SER B 57 29.57 25.68 -7.48
C SER B 57 30.32 26.82 -8.19
N GLN B 58 30.69 26.62 -9.46
CA GLN B 58 31.49 27.59 -10.19
C GLN B 58 30.63 28.65 -10.86
N TYR B 59 29.43 28.30 -11.35
CA TYR B 59 28.65 29.18 -12.21
C TYR B 59 27.21 29.24 -11.72
N PRO B 60 26.95 29.49 -10.42
CA PRO B 60 25.60 29.36 -9.87
C PRO B 60 24.58 30.22 -10.61
N ASP B 61 25.00 31.41 -11.05
CA ASP B 61 24.12 32.36 -11.71
C ASP B 61 23.80 31.96 -13.15
N ARG B 62 24.57 31.08 -13.79
CA ARG B 62 24.35 30.71 -15.20
C ARG B 62 23.93 29.25 -15.34
N GLU B 63 23.35 28.61 -14.29
CA GLU B 63 23.07 27.18 -14.31
C GLU B 63 22.20 26.81 -15.51
N TYR B 64 21.07 27.50 -15.69
CA TYR B 64 20.11 27.14 -16.72
C TYR B 64 20.75 27.19 -18.12
N GLU B 65 21.35 28.35 -18.42
CA GLU B 65 22.00 28.62 -19.70
C GLU B 65 23.00 27.51 -20.03
N LEU B 66 23.89 27.22 -19.08
CA LEU B 66 24.95 26.26 -19.33
C LEU B 66 24.41 24.85 -19.44
N MET B 67 23.47 24.46 -18.56
CA MET B 67 22.95 23.10 -18.54
C MET B 67 22.07 22.82 -19.77
N LYS B 68 21.28 23.82 -20.20
CA LYS B 68 20.52 23.72 -21.44
C LYS B 68 21.42 23.40 -22.63
N ASP B 69 22.48 24.18 -22.78
CA ASP B 69 23.43 23.98 -23.85
C ASP B 69 24.15 22.62 -23.70
N TYR B 70 24.57 22.25 -22.49
CA TYR B 70 25.27 20.99 -22.27
C TYR B 70 24.33 19.82 -22.63
N CYS B 71 23.09 19.85 -22.08
CA CYS B 71 22.16 18.73 -22.23
C CYS B 71 21.76 18.49 -23.69
N LEU B 72 21.51 19.58 -24.41
CA LEU B 72 21.06 19.50 -25.79
C LEU B 72 22.22 19.20 -26.76
N ASN B 73 23.47 19.09 -26.27
CA ASN B 73 24.58 18.52 -27.01
C ASN B 73 24.89 17.06 -26.68
N LEU B 74 24.25 16.46 -25.68
CA LEU B 74 24.54 15.09 -25.26
C LEU B 74 24.08 14.10 -26.34
N ASP B 75 24.84 13.00 -26.44
CA ASP B 75 24.42 11.81 -27.15
C ASP B 75 23.29 11.17 -26.35
N VAL B 76 22.09 11.10 -26.96
CA VAL B 76 20.87 10.75 -26.24
C VAL B 76 20.82 9.25 -25.92
N LYS B 77 21.72 8.44 -26.50
CA LYS B 77 21.84 7.03 -26.19
C LYS B 77 22.60 6.76 -24.90
N THR B 78 23.15 7.78 -24.21
CA THR B 78 24.04 7.58 -23.07
C THR B 78 23.31 7.66 -21.72
N LYS B 79 23.96 7.04 -20.72
CA LYS B 79 23.66 7.24 -19.31
C LYS B 79 23.57 8.72 -18.95
N ALA B 80 24.51 9.51 -19.48
CA ALA B 80 24.52 10.93 -19.20
C ALA B 80 23.22 11.59 -19.65
N ALA B 81 22.73 11.26 -20.86
CA ALA B 81 21.48 11.83 -21.36
C ALA B 81 20.28 11.41 -20.49
N ARG B 82 20.24 10.13 -20.10
CA ARG B 82 19.19 9.65 -19.22
C ARG B 82 19.20 10.39 -17.87
N SER B 83 20.41 10.63 -17.30
CA SER B 83 20.53 11.43 -16.09
C SER B 83 20.05 12.88 -16.30
N ALA B 84 20.40 13.45 -17.45
CA ALA B 84 20.03 14.81 -17.84
C ALA B 84 18.52 14.97 -17.94
N LEU B 85 17.81 13.94 -18.42
CA LEU B 85 16.36 13.97 -18.43
C LEU B 85 15.78 14.07 -17.02
N GLU B 86 16.30 13.27 -16.07
CA GLU B 86 15.86 13.35 -14.69
C GLU B 86 16.18 14.74 -14.13
N TYR B 87 17.39 15.27 -14.40
CA TYR B 87 17.74 16.62 -14.00
C TYR B 87 16.67 17.60 -14.51
N ALA B 88 16.42 17.58 -15.80
CA ALA B 88 15.49 18.51 -16.43
C ALA B 88 14.07 18.34 -15.84
N ASP B 89 13.62 17.09 -15.68
CA ASP B 89 12.27 16.88 -15.14
C ASP B 89 12.18 17.30 -13.66
N ALA B 90 13.16 16.92 -12.84
CA ALA B 90 13.20 17.29 -11.43
C ALA B 90 13.12 18.81 -11.25
N ASN B 91 13.83 19.56 -12.10
CA ASN B 91 13.91 21.01 -12.01
C ASN B 91 12.72 21.67 -12.69
N MET B 92 11.87 20.93 -13.42
CA MET B 92 10.79 21.48 -14.24
C MET B 92 11.36 22.47 -15.29
N PHE B 93 12.49 22.07 -15.90
CA PHE B 93 13.06 22.76 -17.05
C PHE B 93 12.47 22.14 -18.29
N PHE B 94 11.23 22.52 -18.60
CA PHE B 94 10.40 21.83 -19.60
C PHE B 94 11.00 21.88 -21.00
N GLU B 95 11.67 22.98 -21.38
CA GLU B 95 12.23 23.09 -22.71
C GLU B 95 13.40 22.13 -22.87
N ILE B 96 14.19 21.92 -21.81
CA ILE B 96 15.28 20.94 -21.88
C ILE B 96 14.66 19.54 -21.97
N GLU B 97 13.74 19.25 -21.04
CA GLU B 97 13.09 17.95 -20.93
C GLU B 97 12.44 17.51 -22.23
N ASP B 98 11.63 18.38 -22.82
CA ASP B 98 10.85 18.03 -24.00
C ASP B 98 11.74 17.75 -25.20
N ALA B 99 12.86 18.51 -25.33
CA ALA B 99 13.80 18.27 -26.41
C ALA B 99 14.53 16.94 -26.21
N LEU B 100 14.94 16.63 -24.97
CA LEU B 100 15.52 15.33 -24.64
C LEU B 100 14.54 14.18 -24.93
N ILE B 101 13.29 14.35 -24.46
CA ILE B 101 12.27 13.33 -24.68
C ILE B 101 12.13 13.01 -26.18
N ASP B 102 11.96 14.07 -27.00
CA ASP B 102 11.68 13.92 -28.41
C ASP B 102 12.81 13.18 -29.12
N SER B 103 14.07 13.49 -28.78
CA SER B 103 15.17 12.80 -29.45
C SER B 103 15.45 11.43 -28.81
N MET B 104 15.10 11.20 -27.54
CA MET B 104 15.29 9.89 -26.91
C MET B 104 14.28 8.85 -27.44
N ILE B 105 13.04 9.28 -27.66
CA ILE B 105 12.00 8.41 -28.20
C ILE B 105 12.42 7.85 -29.58
N SER B 106 13.12 8.64 -30.40
CA SER B 106 13.52 8.26 -31.75
C SER B 106 14.82 7.45 -31.81
N CYS B 107 15.62 7.37 -30.74
CA CYS B 107 16.98 6.81 -30.87
C CYS B 107 16.89 5.30 -30.75
N SER B 108 18.02 4.64 -31.02
CA SER B 108 18.10 3.19 -31.10
C SER B 108 18.48 2.54 -29.77
N ASN B 109 18.69 3.32 -28.69
CA ASN B 109 18.99 2.75 -27.40
C ASN B 109 17.67 2.50 -26.68
N MET B 110 17.45 1.24 -26.26
CA MET B 110 16.16 0.81 -25.73
C MET B 110 15.87 1.45 -24.36
N LYS B 111 16.90 1.61 -23.53
CA LYS B 111 16.81 2.29 -22.25
C LYS B 111 16.43 3.77 -22.43
N SER B 112 17.16 4.49 -23.28
CA SER B 112 16.87 5.89 -23.54
C SER B 112 15.46 6.03 -24.11
N LYS B 113 15.04 5.11 -24.98
CA LYS B 113 13.69 5.13 -25.51
C LYS B 113 12.66 4.97 -24.37
N GLU B 114 12.88 3.99 -23.49
CA GLU B 114 12.00 3.75 -22.35
C GLU B 114 11.88 5.01 -21.47
N TYR B 115 13.03 5.61 -21.13
CA TYR B 115 13.00 6.81 -20.31
C TYR B 115 12.23 7.93 -21.02
N GLY B 116 12.50 8.13 -22.31
CA GLY B 116 11.81 9.17 -23.05
C GLY B 116 10.28 8.99 -23.02
N LYS B 117 9.82 7.77 -23.26
CA LYS B 117 8.38 7.50 -23.33
C LYS B 117 7.70 7.69 -21.97
N VAL B 118 8.35 7.25 -20.88
CA VAL B 118 7.76 7.29 -19.56
C VAL B 118 7.70 8.73 -19.05
N TYR B 119 8.79 9.51 -19.20
CA TYR B 119 8.75 10.90 -18.82
C TYR B 119 7.69 11.66 -19.65
N LYS B 120 7.53 11.26 -20.91
CA LYS B 120 6.51 11.84 -21.77
C LYS B 120 5.10 11.60 -21.24
N ILE B 121 4.83 10.42 -20.70
CA ILE B 121 3.54 10.11 -20.08
C ILE B 121 3.33 11.08 -18.93
N HIS B 122 4.36 11.29 -18.10
CA HIS B 122 4.25 12.23 -17.01
C HIS B 122 3.93 13.63 -17.53
N ARG B 123 4.67 14.09 -18.55
CA ARG B 123 4.44 15.43 -19.12
C ARG B 123 3.03 15.58 -19.69
N GLU B 124 2.56 14.56 -20.43
CA GLU B 124 1.21 14.57 -20.99
C GLU B 124 0.15 14.59 -19.91
N LEU B 125 0.28 13.73 -18.88
CA LEU B 125 -0.70 13.62 -17.81
C LEU B 125 -0.74 14.94 -17.02
N SER B 126 0.43 15.50 -16.72
CA SER B 126 0.47 16.73 -15.92
C SER B 126 -0.10 17.92 -16.71
N LYS B 127 -0.01 17.94 -18.04
CA LYS B 127 -0.56 19.03 -18.84
C LYS B 127 -2.05 18.81 -19.13
N GLY B 128 -2.64 17.64 -18.83
CA GLY B 128 -4.01 17.36 -19.20
C GLY B 128 -4.19 17.01 -20.67
N GLU B 129 -3.14 16.60 -21.38
CA GLU B 129 -3.26 16.09 -22.73
C GLU B 129 -3.77 14.64 -22.75
N ILE B 130 -3.54 13.89 -21.66
CA ILE B 130 -4.13 12.58 -21.49
C ILE B 130 -4.73 12.54 -20.09
N ASP B 131 -5.68 11.61 -19.87
CA ASP B 131 -6.22 11.33 -18.56
C ASP B 131 -5.44 10.14 -17.96
N VAL B 132 -5.80 9.80 -16.72
CA VAL B 132 -5.09 8.80 -15.94
C VAL B 132 -5.31 7.40 -16.52
N PHE B 133 -6.46 7.12 -17.13
CA PHE B 133 -6.67 5.85 -17.79
C PHE B 133 -5.77 5.67 -19.03
N GLU B 134 -5.64 6.71 -19.84
CA GLU B 134 -4.70 6.70 -20.96
C GLU B 134 -3.25 6.58 -20.46
N ALA B 135 -2.91 7.34 -19.40
CA ALA B 135 -1.57 7.23 -18.81
C ALA B 135 -1.26 5.80 -18.40
N SER B 136 -2.20 5.15 -17.69
CA SER B 136 -2.00 3.76 -17.26
C SER B 136 -1.84 2.84 -18.45
N ALA B 137 -2.72 2.99 -19.46
CA ALA B 137 -2.60 2.19 -20.68
C ALA B 137 -1.23 2.38 -21.32
N ASN B 138 -0.76 3.62 -21.38
CA ASN B 138 0.54 3.89 -22.01
C ASN B 138 1.68 3.26 -21.20
N ILE B 139 1.58 3.23 -19.87
CA ILE B 139 2.57 2.57 -19.03
C ILE B 139 2.59 1.08 -19.39
N GLY B 140 1.41 0.43 -19.43
CA GLY B 140 1.31 -0.97 -19.81
C GLY B 140 1.86 -1.25 -21.20
N LYS B 141 1.53 -0.39 -22.18
CA LYS B 141 2.00 -0.56 -23.56
C LYS B 141 3.53 -0.49 -23.64
N GLN B 142 4.16 0.26 -22.73
CA GLN B 142 5.61 0.46 -22.79
C GLN B 142 6.43 -0.79 -22.47
N ARG B 143 5.86 -1.77 -21.73
CA ARG B 143 6.56 -2.99 -21.34
C ARG B 143 7.87 -2.58 -20.67
N ILE B 144 7.76 -1.87 -19.55
CA ILE B 144 8.90 -1.25 -18.88
C ILE B 144 9.87 -2.32 -18.35
N LYS B 145 11.17 -2.18 -18.64
CA LYS B 145 12.18 -3.13 -18.24
C LYS B 145 13.06 -2.60 -17.09
N THR B 146 13.24 -1.28 -16.95
CA THR B 146 14.18 -0.76 -15.94
C THR B 146 13.47 -0.62 -14.60
N ALA B 147 14.23 -0.84 -13.52
CA ALA B 147 13.70 -0.62 -12.19
C ALA B 147 13.33 0.85 -12.03
N GLU B 148 14.14 1.74 -12.62
CA GLU B 148 13.93 3.17 -12.46
C GLU B 148 12.65 3.68 -13.12
N MET B 149 12.31 3.26 -14.34
CA MET B 149 11.08 3.71 -14.96
C MET B 149 9.86 2.99 -14.40
N ASN B 150 10.03 1.76 -13.87
CA ASN B 150 8.97 1.11 -13.11
C ASN B 150 8.59 1.99 -11.91
N ILE B 151 9.61 2.51 -11.20
CA ILE B 151 9.40 3.42 -10.08
C ILE B 151 8.82 4.75 -10.54
N PHE B 152 9.39 5.32 -11.60
CA PHE B 152 8.93 6.60 -12.12
C PHE B 152 7.47 6.49 -12.55
N SER B 153 7.07 5.34 -13.11
CA SER B 153 5.68 5.17 -13.54
C SER B 153 4.71 5.24 -12.34
N LYS B 154 5.15 4.80 -11.15
CA LYS B 154 4.38 4.92 -9.93
C LYS B 154 4.38 6.35 -9.45
N MET B 155 5.55 7.00 -9.53
CA MET B 155 5.65 8.36 -9.06
C MET B 155 4.77 9.29 -9.88
N LEU B 156 4.73 9.12 -11.23
CA LEU B 156 3.94 10.05 -12.03
C LEU B 156 2.44 9.95 -11.68
N LEU B 157 1.96 8.75 -11.31
CA LEU B 157 0.60 8.56 -10.80
C LEU B 157 0.38 9.22 -9.44
N MET B 158 1.40 9.17 -8.57
CA MET B 158 1.38 9.87 -7.29
C MET B 158 1.26 11.37 -7.47
N TYR B 159 2.02 11.95 -8.42
CA TYR B 159 1.98 13.39 -8.68
C TYR B 159 0.60 13.79 -9.15
N ASP B 160 0.03 13.00 -10.07
CA ASP B 160 -1.31 13.29 -10.58
C ASP B 160 -2.35 13.21 -9.45
N CYS B 161 -2.32 12.14 -8.64
CA CYS B 161 -3.19 12.03 -7.47
C CYS B 161 -3.13 13.26 -6.58
N LEU B 162 -1.91 13.74 -6.29
CA LEU B 162 -1.78 14.90 -5.42
C LEU B 162 -2.39 16.15 -6.09
N ASN B 163 -2.10 16.35 -7.37
CA ASN B 163 -2.63 17.48 -8.12
C ASN B 163 -4.14 17.40 -8.25
N LYS B 164 -4.73 16.20 -8.32
CA LYS B 164 -6.17 16.09 -8.59
C LYS B 164 -6.98 15.90 -7.29
N GLY B 165 -6.39 16.08 -6.12
CA GLY B 165 -7.06 15.90 -4.85
C GLY B 165 -7.53 14.47 -4.58
N ASN B 166 -6.86 13.46 -5.15
CA ASN B 166 -7.23 12.07 -4.97
C ASN B 166 -6.12 11.41 -4.14
N PHE B 167 -6.13 11.57 -2.83
CA PHE B 167 -5.00 11.22 -1.99
C PHE B 167 -4.91 9.75 -1.62
N ALA B 168 -6.03 9.00 -1.64
CA ALA B 168 -6.02 7.64 -1.10
C ALA B 168 -4.98 6.75 -1.79
N PRO B 169 -4.82 6.76 -3.13
CA PRO B 169 -3.89 5.85 -3.75
C PRO B 169 -2.42 6.12 -3.46
N MET B 170 -2.07 7.34 -3.01
CA MET B 170 -0.66 7.72 -2.92
C MET B 170 0.13 6.80 -1.98
N MET B 171 -0.40 6.47 -0.79
CA MET B 171 0.31 5.60 0.15
C MET B 171 0.44 4.16 -0.39
N LEU B 172 -0.57 3.73 -1.15
CA LEU B 172 -0.54 2.41 -1.81
C LEU B 172 0.56 2.36 -2.87
N LEU B 173 0.61 3.39 -3.73
CA LEU B 173 1.66 3.47 -4.76
C LEU B 173 3.05 3.55 -4.12
N PHE B 174 3.19 4.34 -3.05
CA PHE B 174 4.45 4.43 -2.31
C PHE B 174 4.96 3.03 -1.90
N GLN B 175 4.08 2.16 -1.38
CA GLN B 175 4.46 0.82 -0.96
C GLN B 175 4.99 -0.05 -2.09
N GLN B 176 4.65 0.27 -3.34
CA GLN B 176 5.17 -0.45 -4.49
C GLN B 176 6.59 -0.05 -4.89
N ILE B 177 7.14 1.04 -4.33
CA ILE B 177 8.47 1.50 -4.70
C ILE B 177 9.54 0.89 -3.80
N ASP B 178 10.65 0.44 -4.41
CA ASP B 178 11.86 0.02 -3.72
C ASP B 178 13.07 0.64 -4.43
N LEU B 179 13.57 1.77 -3.89
CA LEU B 179 14.70 2.50 -4.47
C LEU B 179 15.98 1.67 -4.54
N SER B 180 16.11 0.66 -3.67
CA SER B 180 17.28 -0.20 -3.68
C SER B 180 17.37 -1.02 -4.96
N GLU B 181 16.30 -1.09 -5.76
CA GLU B 181 16.36 -1.77 -7.04
C GLU B 181 17.06 -0.96 -8.11
N ILE B 182 17.28 0.34 -7.91
CA ILE B 182 18.02 1.19 -8.86
C ILE B 182 19.52 0.97 -8.62
N LYS B 183 20.21 0.35 -9.58
CA LYS B 183 21.59 -0.08 -9.36
C LYS B 183 22.60 0.79 -10.12
N GLU B 184 22.31 1.15 -11.36
CA GLU B 184 23.39 1.64 -12.22
C GLU B 184 23.58 3.15 -12.07
N ASN B 185 22.59 3.91 -11.56
CA ASN B 185 22.59 5.36 -11.72
C ASN B 185 22.44 6.04 -10.36
N ARG B 186 23.56 6.35 -9.68
CA ARG B 186 23.51 6.96 -8.35
C ARG B 186 22.88 8.36 -8.37
N TYR B 187 23.13 9.13 -9.45
CA TYR B 187 22.59 10.47 -9.63
C TYR B 187 21.07 10.40 -9.60
N LEU B 188 20.54 9.49 -10.39
CA LEU B 188 19.11 9.33 -10.46
C LEU B 188 18.54 8.76 -9.16
N LYS B 189 19.19 7.77 -8.57
CA LYS B 189 18.67 7.20 -7.33
C LYS B 189 18.55 8.28 -6.26
N ASN B 190 19.57 9.13 -6.21
CA ASN B 190 19.59 10.24 -5.28
C ASN B 190 18.50 11.26 -5.51
N SER B 191 18.30 11.63 -6.78
CA SER B 191 17.18 12.48 -7.16
C SER B 191 15.84 11.88 -6.73
N PHE B 192 15.65 10.57 -6.99
CA PHE B 192 14.42 9.88 -6.59
C PHE B 192 14.23 9.86 -5.06
N GLU B 193 15.31 9.76 -4.30
CA GLU B 193 15.20 9.83 -2.85
C GLU B 193 14.60 11.17 -2.43
N THR B 194 15.07 12.27 -3.06
CA THR B 194 14.52 13.59 -2.75
C THR B 194 13.05 13.63 -3.16
N ARG B 195 12.74 13.15 -4.37
CA ARG B 195 11.34 13.08 -4.79
C ARG B 195 10.46 12.41 -3.76
N ILE B 196 10.93 11.28 -3.22
CA ILE B 196 10.16 10.46 -2.31
C ILE B 196 10.01 11.16 -0.97
N ASN B 197 11.04 11.86 -0.51
CA ASN B 197 10.91 12.64 0.71
C ASN B 197 9.81 13.70 0.61
N VAL B 198 9.75 14.40 -0.51
CA VAL B 198 8.75 15.45 -0.67
C VAL B 198 7.36 14.82 -0.87
N LEU B 199 7.28 13.72 -1.62
CA LEU B 199 6.02 12.99 -1.71
C LEU B 199 5.55 12.49 -0.36
N LEU B 200 6.47 11.90 0.44
CA LEU B 200 6.11 11.40 1.76
C LEU B 200 5.64 12.54 2.66
N SER B 201 6.30 13.70 2.55
CA SER B 201 5.87 14.86 3.30
C SER B 201 4.39 15.17 3.06
N ASN B 202 4.00 15.15 1.79
CA ASN B 202 2.61 15.40 1.40
C ASN B 202 1.70 14.27 1.88
N ILE B 203 2.14 13.00 1.79
CA ILE B 203 1.33 11.87 2.23
C ILE B 203 0.98 12.03 3.73
N TYR B 204 1.98 12.39 4.55
CA TYR B 204 1.78 12.56 5.96
C TYR B 204 0.97 13.81 6.27
N LEU B 205 1.17 14.89 5.50
CA LEU B 205 0.31 16.06 5.62
C LEU B 205 -1.18 15.65 5.48
N ASN B 206 -1.48 14.86 4.44
CA ASN B 206 -2.86 14.50 4.13
C ASN B 206 -3.45 13.49 5.13
N GLU B 207 -2.58 12.75 5.83
CA GLU B 207 -2.91 11.87 6.92
C GLU B 207 -3.00 12.62 8.25
N ASN B 208 -2.78 13.94 8.26
CA ASN B 208 -2.78 14.70 9.52
C ASN B 208 -1.69 14.21 10.50
N ASN B 209 -0.56 13.72 9.98
CA ASN B 209 0.63 13.44 10.79
C ASN B 209 1.63 14.58 10.56
N LEU B 210 1.45 15.67 11.29
CA LEU B 210 2.10 16.91 10.92
C LEU B 210 3.60 16.87 11.31
N GLU B 211 3.94 16.15 12.37
CA GLU B 211 5.34 16.05 12.80
C GLU B 211 6.15 15.28 11.75
N LEU B 212 5.61 14.16 11.23
CA LEU B 212 6.26 13.40 10.17
C LEU B 212 6.29 14.16 8.86
N CYS B 213 5.27 14.96 8.59
CA CYS B 213 5.24 15.78 7.41
C CYS B 213 6.44 16.70 7.43
N ARG B 214 6.60 17.41 8.52
CA ARG B 214 7.70 18.34 8.69
C ARG B 214 9.08 17.66 8.65
N GLU B 215 9.19 16.51 9.28
CA GLU B 215 10.43 15.76 9.29
C GLU B 215 10.89 15.40 7.87
N TYR B 216 9.99 14.91 7.03
CA TYR B 216 10.34 14.52 5.66
C TYR B 216 10.64 15.72 4.76
N ALA B 217 9.95 16.84 4.94
CA ALA B 217 10.30 18.06 4.22
C ALA B 217 11.69 18.54 4.62
N GLN B 218 11.98 18.55 5.93
CA GLN B 218 13.29 18.93 6.43
C GLN B 218 14.40 18.02 5.86
N LYS B 219 14.12 16.73 5.73
CA LYS B 219 15.06 15.79 5.13
C LYS B 219 15.36 16.17 3.68
N ALA B 220 14.32 16.51 2.91
CA ALA B 220 14.48 16.94 1.52
C ALA B 220 15.31 18.22 1.47
N ILE B 221 15.02 19.18 2.35
CA ILE B 221 15.73 20.46 2.37
C ILE B 221 17.20 20.24 2.69
N SER B 222 17.52 19.35 3.65
CA SER B 222 18.90 19.07 4.06
C SER B 222 19.72 18.36 3.01
N SER B 223 19.12 17.75 1.98
CA SER B 223 19.89 16.91 1.06
C SER B 223 19.70 17.31 -0.39
N THR B 224 19.15 18.50 -0.69
CA THR B 224 18.93 18.94 -2.07
C THR B 224 19.47 20.34 -2.26
N ASP B 225 19.80 20.69 -3.52
CA ASP B 225 20.02 22.08 -3.93
C ASP B 225 19.17 22.39 -5.16
N THR B 226 18.09 21.62 -5.38
CA THR B 226 17.21 21.82 -6.53
C THR B 226 16.07 22.72 -6.07
N GLN B 227 15.89 23.85 -6.75
CA GLN B 227 14.87 24.82 -6.40
C GLN B 227 13.50 24.13 -6.25
N ARG B 228 13.09 23.33 -7.23
CA ARG B 228 11.79 22.66 -7.20
C ARG B 228 11.53 21.95 -5.85
N PHE B 229 12.51 21.16 -5.34
CA PHE B 229 12.30 20.39 -4.12
C PHE B 229 12.30 21.29 -2.89
N LEU B 230 13.13 22.35 -2.91
CA LEU B 230 13.13 23.34 -1.84
C LEU B 230 11.78 24.03 -1.79
N VAL B 231 11.27 24.46 -2.94
CA VAL B 231 9.99 25.15 -3.02
C VAL B 231 8.88 24.29 -2.42
N PHE B 232 8.75 23.05 -2.89
CA PHE B 232 7.68 22.19 -2.39
C PHE B 232 7.85 21.78 -0.93
N SER B 233 9.07 21.71 -0.42
CA SER B 233 9.30 21.39 0.97
C SER B 233 8.81 22.54 1.84
N TYR B 234 9.18 23.79 1.53
CA TYR B 234 8.73 24.90 2.34
C TYR B 234 7.19 25.06 2.21
N LEU B 235 6.64 24.83 1.02
CA LEU B 235 5.20 24.91 0.81
C LEU B 235 4.47 23.93 1.75
N THR B 236 4.93 22.67 1.78
CA THR B 236 4.28 21.63 2.56
C THR B 236 4.44 21.90 4.05
N ILE B 237 5.61 22.41 4.49
CA ILE B 237 5.75 22.80 5.91
C ILE B 237 4.76 23.90 6.26
N GLY B 238 4.64 24.92 5.40
CA GLY B 238 3.68 26.00 5.60
C GLY B 238 2.24 25.47 5.76
N THR B 239 1.84 24.57 4.87
CA THR B 239 0.50 23.98 4.96
C THR B 239 0.28 23.16 6.23
N SER B 240 1.37 22.53 6.75
CA SER B 240 1.28 21.77 7.98
C SER B 240 0.87 22.65 9.16
N TYR B 241 1.07 23.96 9.09
CA TYR B 241 0.71 24.86 10.17
C TYR B 241 -0.56 25.68 9.91
N ILE B 242 -1.19 25.50 8.75
CA ILE B 242 -2.22 26.37 8.23
C ILE B 242 -3.43 26.45 9.19
N PHE B 243 -3.71 25.36 9.93
CA PHE B 243 -4.84 25.30 10.86
C PHE B 243 -4.41 25.53 12.28
N SER B 244 -3.09 25.55 12.58
CA SER B 244 -2.64 25.51 13.97
C SER B 244 -1.76 26.71 14.35
N ASP B 245 -1.02 27.33 13.42
CA ASP B 245 -0.08 28.38 13.80
C ASP B 245 0.14 29.34 12.64
N PHE B 246 -0.58 30.46 12.69
CA PHE B 246 -0.60 31.44 11.63
C PHE B 246 0.83 31.89 11.34
N ASN B 247 1.57 32.27 12.38
CA ASN B 247 2.90 32.84 12.20
C ASN B 247 3.86 31.87 11.50
N LEU B 248 3.85 30.59 11.90
CA LEU B 248 4.80 29.64 11.34
C LEU B 248 4.35 29.25 9.93
N SER B 249 3.04 29.17 9.68
CA SER B 249 2.51 28.93 8.35
C SER B 249 3.01 30.02 7.39
N LYS B 250 2.76 31.26 7.76
CA LYS B 250 3.11 32.40 6.94
C LYS B 250 4.62 32.45 6.75
N GLN B 251 5.39 32.23 7.82
CA GLN B 251 6.85 32.29 7.72
C GLN B 251 7.36 31.35 6.66
N ASN B 252 6.93 30.08 6.74
CA ASN B 252 7.36 29.06 5.80
C ASN B 252 6.92 29.35 4.37
N TYR B 253 5.69 29.90 4.19
CA TYR B 253 5.26 30.32 2.88
C TYR B 253 6.12 31.48 2.34
N LEU B 254 6.53 32.44 3.17
CA LEU B 254 7.33 33.58 2.72
C LEU B 254 8.74 33.13 2.35
N ILE B 255 9.30 32.18 3.14
CA ILE B 255 10.58 31.56 2.80
C ILE B 255 10.45 30.92 1.41
N GLY B 256 9.47 30.03 1.26
CA GLY B 256 9.32 29.32 0.02
C GLY B 256 9.15 30.25 -1.18
N LEU B 257 8.34 31.31 -1.00
CA LEU B 257 8.15 32.34 -2.03
C LEU B 257 9.49 32.98 -2.42
N LYS B 258 10.39 33.21 -1.46
CA LYS B 258 11.70 33.73 -1.78
C LYS B 258 12.51 32.70 -2.56
N PHE B 259 12.44 31.39 -2.23
CA PHE B 259 13.06 30.34 -3.07
C PHE B 259 12.41 30.26 -4.46
N ALA B 260 11.11 30.55 -4.55
CA ALA B 260 10.42 30.48 -5.84
C ALA B 260 10.72 31.66 -6.77
N LYS B 261 11.33 32.75 -6.27
CA LYS B 261 11.42 34.03 -6.97
C LYS B 261 11.89 33.86 -8.40
N GLY B 262 11.14 34.47 -9.34
CA GLY B 262 11.44 34.41 -10.76
C GLY B 262 10.93 33.17 -11.48
N ASN B 263 10.13 32.32 -10.83
CA ASN B 263 9.43 31.22 -11.48
C ASN B 263 7.95 31.41 -11.11
N PRO B 264 7.13 32.00 -12.01
CA PRO B 264 5.73 32.29 -11.69
C PRO B 264 4.89 31.10 -11.25
N GLY B 265 5.12 29.91 -11.84
CA GLY B 265 4.46 28.70 -11.44
C GLY B 265 4.68 28.37 -9.97
N PHE B 266 5.96 28.40 -9.54
CA PHE B 266 6.32 28.14 -8.15
C PHE B 266 5.73 29.24 -7.25
N GLU B 267 5.83 30.50 -7.66
CA GLU B 267 5.36 31.59 -6.83
C GLU B 267 3.87 31.48 -6.56
N GLU B 268 3.12 31.04 -7.57
CA GLU B 268 1.68 30.91 -7.46
C GLU B 268 1.20 29.96 -6.35
N PHE B 269 1.89 28.84 -6.09
CA PHE B 269 1.56 27.96 -4.99
C PHE B 269 1.50 28.77 -3.68
N PHE B 270 2.50 29.61 -3.45
CA PHE B 270 2.57 30.38 -2.20
C PHE B 270 1.49 31.45 -2.12
N LYS B 271 1.26 32.16 -3.23
CA LYS B 271 0.22 33.18 -3.25
C LYS B 271 -1.15 32.58 -2.96
N ARG B 272 -1.41 31.40 -3.53
CA ARG B 272 -2.66 30.67 -3.31
C ARG B 272 -2.81 30.28 -1.84
N ASN B 273 -1.77 29.69 -1.23
CA ASN B 273 -1.90 29.25 0.14
C ASN B 273 -1.89 30.42 1.12
N LEU B 274 -1.12 31.49 0.82
CA LEU B 274 -1.23 32.71 1.61
C LEU B 274 -2.63 33.32 1.54
N SER B 275 -3.28 33.28 0.36
CA SER B 275 -4.66 33.74 0.22
C SER B 275 -5.56 32.97 1.18
N PHE B 276 -5.45 31.63 1.13
CA PHE B 276 -6.25 30.76 1.96
C PHE B 276 -5.95 31.03 3.43
N LEU B 277 -4.66 31.08 3.81
CA LEU B 277 -4.30 31.27 5.21
C LEU B 277 -4.94 32.55 5.75
N ASN B 278 -4.76 33.67 5.05
CA ASN B 278 -5.30 34.95 5.49
C ASN B 278 -6.84 34.93 5.55
N ASN B 279 -7.48 34.26 4.58
CA ASN B 279 -8.94 34.16 4.63
C ASN B 279 -9.37 33.33 5.84
N PHE B 280 -8.74 32.17 6.07
CA PHE B 280 -9.12 31.26 7.12
C PHE B 280 -8.93 31.90 8.49
N TRP B 281 -7.91 32.76 8.67
CA TRP B 281 -7.65 33.41 9.95
C TRP B 281 -8.30 34.80 10.02
N ASN B 282 -9.15 35.16 9.03
CA ASN B 282 -9.92 36.42 9.05
C ASN B 282 -8.99 37.64 9.09
N LYS B 283 -8.03 37.71 8.18
CA LYS B 283 -7.19 38.89 8.05
C LYS B 283 -7.46 39.50 6.69
N GLU B 284 -7.10 40.77 6.55
CA GLU B 284 -7.19 41.46 5.27
C GLU B 284 -6.17 40.84 4.32
N ASN B 285 -6.65 40.46 3.12
CA ASN B 285 -5.89 39.62 2.21
C ASN B 285 -5.19 40.52 1.22
N GLU B 286 -3.92 40.25 0.92
CA GLU B 286 -3.22 40.95 -0.13
C GLU B 286 -2.82 40.01 -1.26
N TRP B 287 -3.31 38.75 -1.28
CA TRP B 287 -2.70 37.71 -2.11
C TRP B 287 -3.62 37.18 -3.21
N ILE B 288 -4.89 37.56 -3.18
CA ILE B 288 -5.93 36.92 -3.99
C ILE B 288 -5.71 37.27 -5.47
N ASN B 289 -5.98 36.32 -6.36
CA ASN B 289 -5.99 36.56 -7.80
C ASN B 289 -7.45 36.73 -8.26
N TYR B 290 -7.86 38.00 -8.44
CA TYR B 290 -9.22 38.35 -8.83
C TYR B 290 -9.45 38.12 -10.33
N ASP B 291 -8.41 37.96 -11.15
CA ASP B 291 -8.51 37.79 -12.60
C ASP B 291 -8.60 36.34 -13.02
N SER B 292 -8.24 35.39 -12.19
CA SER B 292 -8.07 34.01 -12.58
C SER B 292 -9.43 33.32 -12.67
N ASP B 293 -9.61 32.41 -13.64
CA ASP B 293 -10.78 31.53 -13.62
C ASP B 293 -10.40 30.11 -13.21
N ALA B 294 -9.32 29.94 -12.46
CA ALA B 294 -9.07 28.70 -11.74
C ALA B 294 -9.99 28.64 -10.53
N VAL B 295 -10.65 27.49 -10.32
CA VAL B 295 -11.59 27.31 -9.22
C VAL B 295 -10.93 27.67 -7.88
N THR B 296 -9.67 27.25 -7.63
CA THR B 296 -9.08 27.54 -6.32
C THR B 296 -8.94 29.05 -6.08
N ASP B 297 -8.65 29.82 -7.13
CA ASP B 297 -8.55 31.28 -7.02
C ASP B 297 -9.92 31.91 -6.76
N MET B 298 -10.92 31.41 -7.48
CA MET B 298 -12.27 31.94 -7.35
C MET B 298 -12.83 31.65 -5.97
N GLN B 299 -12.46 30.49 -5.38
CA GLN B 299 -12.77 30.14 -4.01
C GLN B 299 -12.25 31.16 -3.01
N GLU B 300 -11.03 31.68 -3.21
CA GLU B 300 -10.49 32.68 -2.29
C GLU B 300 -11.16 34.04 -2.42
N VAL B 301 -11.60 34.43 -3.63
CA VAL B 301 -12.41 35.63 -3.83
C VAL B 301 -13.67 35.51 -2.97
N ILE B 302 -14.29 34.32 -3.03
CA ILE B 302 -15.54 34.08 -2.31
C ILE B 302 -15.31 34.12 -0.80
N PHE B 303 -14.24 33.46 -0.33
CA PHE B 303 -13.96 33.43 1.09
C PHE B 303 -13.72 34.84 1.63
N GLU B 304 -12.99 35.67 0.87
CA GLU B 304 -12.86 37.07 1.23
C GLU B 304 -14.22 37.75 1.35
N LEU B 305 -15.12 37.54 0.38
CA LEU B 305 -16.42 38.19 0.46
C LEU B 305 -17.16 37.76 1.74
N ILE B 306 -17.08 36.47 2.10
CA ILE B 306 -17.67 35.98 3.34
C ILE B 306 -17.10 36.73 4.55
N ASN B 307 -15.77 36.88 4.65
CA ASN B 307 -15.19 37.71 5.72
C ASN B 307 -15.63 39.17 5.65
N HIS B 308 -15.90 39.73 4.47
CA HIS B 308 -16.39 41.10 4.33
C HIS B 308 -17.92 41.18 4.42
N LYS B 309 -18.62 40.11 4.82
CA LYS B 309 -20.06 40.13 5.12
C LYS B 309 -20.90 40.28 3.85
N GLU B 310 -20.33 40.03 2.66
CA GLU B 310 -21.01 40.18 1.40
C GLU B 310 -21.54 38.80 0.98
N LEU B 311 -22.48 38.28 1.77
CA LEU B 311 -22.91 36.90 1.65
C LEU B 311 -23.68 36.68 0.34
N SER B 312 -24.51 37.66 -0.03
CA SER B 312 -25.33 37.60 -1.23
C SER B 312 -24.45 37.53 -2.48
N LYS B 313 -23.42 38.38 -2.58
CA LYS B 313 -22.50 38.31 -3.69
C LYS B 313 -21.65 37.02 -3.64
N ALA B 314 -21.18 36.59 -2.46
CA ALA B 314 -20.42 35.34 -2.31
C ALA B 314 -21.25 34.17 -2.85
N LEU B 315 -22.53 34.12 -2.51
CA LEU B 315 -23.41 33.04 -2.95
C LEU B 315 -23.58 33.05 -4.46
N GLN B 316 -23.76 34.23 -5.07
CA GLN B 316 -23.86 34.32 -6.53
C GLN B 316 -22.57 33.80 -7.19
N LEU B 317 -21.38 34.16 -6.69
CA LEU B 317 -20.13 33.66 -7.25
C LEU B 317 -19.97 32.14 -7.02
N LEU B 318 -20.43 31.63 -5.88
CA LEU B 318 -20.31 30.22 -5.56
C LEU B 318 -21.19 29.42 -6.53
N ASN B 319 -22.38 29.90 -6.85
CA ASN B 319 -23.23 29.31 -7.89
C ASN B 319 -22.57 29.21 -9.27
N LYS B 320 -21.80 30.22 -9.69
CA LYS B 320 -21.00 30.12 -10.91
C LYS B 320 -20.01 28.95 -10.84
N LEU B 321 -19.45 28.63 -9.65
CA LEU B 321 -18.52 27.54 -9.50
C LEU B 321 -19.18 26.17 -9.62
N GLU B 322 -20.48 26.05 -9.32
CA GLU B 322 -21.20 24.79 -9.52
C GLU B 322 -21.23 24.35 -10.99
N GLU B 323 -21.11 25.28 -11.93
CA GLU B 323 -21.01 25.00 -13.36
C GLU B 323 -19.64 24.41 -13.73
N ARG B 324 -18.64 24.46 -12.83
CA ARG B 324 -17.26 24.19 -13.21
C ARG B 324 -16.88 22.78 -12.79
N ASP B 325 -15.93 22.20 -13.53
CA ASP B 325 -15.36 20.90 -13.24
C ASP B 325 -14.48 21.10 -12.02
N GLN B 326 -14.69 20.27 -10.99
CA GLN B 326 -13.89 20.34 -9.78
C GLN B 326 -13.54 18.95 -9.33
N ASN B 327 -12.37 18.80 -8.71
CA ASN B 327 -12.02 17.54 -8.06
C ASN B 327 -12.66 17.43 -6.67
N GLU B 328 -12.59 16.23 -6.08
CA GLU B 328 -13.22 15.94 -4.81
C GLU B 328 -12.71 16.81 -3.68
N ASN B 329 -11.39 17.10 -3.65
CA ASN B 329 -10.84 17.94 -2.60
C ASN B 329 -11.35 19.39 -2.78
N GLU B 330 -11.39 19.86 -4.03
CA GLU B 330 -11.91 21.18 -4.34
C GLU B 330 -13.37 21.29 -3.92
N LEU B 331 -14.16 20.25 -4.13
CA LEU B 331 -15.54 20.23 -3.70
C LEU B 331 -15.68 20.25 -2.17
N GLY B 332 -14.76 19.64 -1.43
CA GLY B 332 -14.67 19.85 0.02
C GLY B 332 -14.65 21.32 0.41
N PHE B 333 -13.78 22.07 -0.25
CA PHE B 333 -13.67 23.51 -0.04
C PHE B 333 -14.96 24.18 -0.48
N HIS B 334 -15.48 23.82 -1.66
CA HIS B 334 -16.71 24.42 -2.19
C HIS B 334 -17.85 24.39 -1.15
N TYR B 335 -18.14 23.17 -0.64
CA TYR B 335 -19.24 22.96 0.30
C TYR B 335 -18.96 23.60 1.66
N TYR B 336 -17.70 23.69 2.10
CA TYR B 336 -17.37 24.41 3.30
C TYR B 336 -17.74 25.90 3.15
N LEU B 337 -17.34 26.51 2.02
CA LEU B 337 -17.73 27.91 1.74
C LEU B 337 -19.25 28.03 1.72
N LYS B 338 -19.92 27.08 1.06
CA LYS B 338 -21.38 27.12 0.94
C LYS B 338 -22.05 27.13 2.31
N GLY B 339 -21.55 26.28 3.21
CA GLY B 339 -21.93 26.22 4.60
C GLY B 339 -21.76 27.52 5.33
N LEU B 340 -20.59 28.16 5.18
CA LEU B 340 -20.34 29.44 5.83
C LEU B 340 -21.34 30.48 5.32
N ILE B 341 -21.71 30.44 4.03
CA ILE B 341 -22.61 31.44 3.45
C ILE B 341 -24.06 31.17 3.91
N THR B 342 -24.52 29.91 3.81
CA THR B 342 -25.95 29.55 3.95
C THR B 342 -26.30 29.10 5.37
N ASN B 343 -25.32 28.74 6.19
CA ASN B 343 -25.55 28.18 7.51
C ASN B 343 -26.32 26.85 7.50
N GLU B 344 -26.25 26.10 6.39
CA GLU B 344 -26.93 24.81 6.23
C GLU B 344 -25.97 23.71 6.69
N LYS B 345 -26.38 22.91 7.67
CA LYS B 345 -25.62 21.73 8.05
C LYS B 345 -25.38 20.82 6.85
N GLU B 346 -26.37 20.70 5.93
CA GLU B 346 -26.23 19.87 4.74
C GLU B 346 -24.88 20.15 4.03
N ALA B 347 -24.58 21.44 3.81
CA ALA B 347 -23.38 21.77 3.07
C ALA B 347 -22.13 21.32 3.85
N PHE B 348 -22.11 21.49 5.17
CA PHE B 348 -20.98 21.01 5.96
C PHE B 348 -20.84 19.48 5.94
N PHE B 349 -21.96 18.76 5.95
CA PHE B 349 -21.94 17.30 5.84
C PHE B 349 -21.32 16.89 4.50
N LYS B 350 -21.74 17.54 3.39
CA LYS B 350 -21.15 17.28 2.08
C LYS B 350 -19.65 17.58 2.08
N SER B 351 -19.25 18.68 2.68
CA SER B 351 -17.83 19.04 2.80
C SER B 351 -17.02 17.92 3.45
N VAL B 352 -17.56 17.37 4.55
CA VAL B 352 -17.00 16.22 5.26
C VAL B 352 -16.86 15.05 4.31
N GLU B 353 -17.92 14.76 3.55
CA GLU B 353 -17.94 13.57 2.70
C GLU B 353 -16.88 13.70 1.61
N TYR B 354 -16.75 14.91 1.03
CA TYR B 354 -15.76 15.13 0.00
C TYR B 354 -14.36 15.00 0.54
N PHE B 355 -14.12 15.49 1.76
CA PHE B 355 -12.80 15.34 2.35
C PHE B 355 -12.49 13.89 2.70
N LYS B 356 -13.49 13.11 3.13
CA LYS B 356 -13.33 11.69 3.29
C LYS B 356 -13.01 11.02 1.97
N ALA B 357 -13.73 11.41 0.91
CA ALA B 357 -13.50 10.77 -0.39
C ALA B 357 -12.10 11.08 -0.93
N SER B 358 -11.63 12.33 -0.77
CA SER B 358 -10.27 12.67 -1.18
C SER B 358 -9.19 12.16 -0.20
N GLN B 359 -9.55 11.60 0.96
CA GLN B 359 -8.65 11.15 2.03
C GLN B 359 -7.79 12.32 2.51
N ASP B 360 -8.48 13.43 2.75
CA ASP B 360 -7.86 14.62 3.31
C ASP B 360 -8.23 14.68 4.79
N LYS B 361 -7.32 14.25 5.66
CA LYS B 361 -7.52 14.30 7.09
C LYS B 361 -7.10 15.62 7.72
N LEU B 362 -6.50 16.52 6.95
CA LEU B 362 -6.15 17.84 7.46
C LEU B 362 -7.34 18.78 7.32
N SER B 363 -7.83 18.93 6.08
CA SER B 363 -8.84 19.95 5.75
C SER B 363 -10.19 19.61 6.38
N ILE B 364 -10.43 18.33 6.69
CA ILE B 364 -11.71 17.86 7.22
C ILE B 364 -12.06 18.53 8.55
N LYS B 365 -11.06 18.99 9.30
CA LYS B 365 -11.28 19.69 10.54
C LYS B 365 -12.14 20.93 10.32
N MET B 366 -12.06 21.60 9.16
CA MET B 366 -12.79 22.84 8.97
C MET B 366 -14.30 22.62 9.10
N PRO B 367 -14.97 21.76 8.27
CA PRO B 367 -16.41 21.56 8.42
C PRO B 367 -16.77 20.89 9.74
N LEU B 368 -15.88 20.06 10.31
CA LEU B 368 -16.13 19.41 11.59
C LEU B 368 -16.29 20.42 12.72
N ILE B 369 -15.40 21.40 12.77
CA ILE B 369 -15.51 22.51 13.72
C ILE B 369 -16.87 23.22 13.61
N GLN B 370 -17.34 23.48 12.39
CA GLN B 370 -18.59 24.19 12.19
C GLN B 370 -19.77 23.32 12.65
N LEU B 371 -19.71 22.01 12.36
CA LEU B 371 -20.75 21.10 12.83
C LEU B 371 -20.79 21.04 14.35
N GLU B 372 -19.64 21.05 15.01
CA GLU B 372 -19.58 21.06 16.48
C GLU B 372 -20.27 22.32 17.05
N LYS B 373 -19.97 23.47 16.44
CA LYS B 373 -20.61 24.72 16.85
C LYS B 373 -22.11 24.70 16.61
N MET B 374 -22.59 23.97 15.59
CA MET B 374 -24.00 23.88 15.27
C MET B 374 -24.72 22.77 16.04
N GLY B 375 -24.11 22.20 17.10
CA GLY B 375 -24.79 21.27 17.98
C GLY B 375 -24.62 19.78 17.61
N GLU B 376 -23.80 19.39 16.62
CA GLU B 376 -23.62 17.96 16.36
C GLU B 376 -22.79 17.29 17.46
N ASN B 377 -23.03 15.97 17.66
CA ASN B 377 -22.47 15.22 18.77
C ASN B 377 -20.94 15.26 18.68
N PRO B 378 -20.20 15.84 19.65
CA PRO B 378 -18.74 15.92 19.55
C PRO B 378 -18.04 14.55 19.44
N ARG B 379 -18.62 13.53 20.11
CA ARG B 379 -18.00 12.22 20.12
C ARG B 379 -17.98 11.66 18.70
N LEU B 380 -19.09 11.81 17.96
CA LEU B 380 -19.21 11.36 16.57
C LEU B 380 -18.28 12.14 15.65
N LEU B 381 -18.16 13.44 15.88
CA LEU B 381 -17.22 14.26 15.13
C LEU B 381 -15.77 13.81 15.36
N LYS B 382 -15.45 13.42 16.59
CA LYS B 382 -14.10 12.93 16.88
C LYS B 382 -13.86 11.61 16.16
N ILE B 383 -14.85 10.70 16.19
CA ILE B 383 -14.74 9.40 15.55
C ILE B 383 -14.51 9.54 14.05
N ILE B 384 -15.13 10.56 13.42
CA ILE B 384 -14.94 10.85 12.01
C ILE B 384 -13.49 11.19 11.66
N THR B 385 -12.70 11.71 12.60
CA THR B 385 -11.29 12.00 12.34
C THR B 385 -10.39 10.76 12.45
N MET B 386 -10.87 9.60 12.96
CA MET B 386 -9.98 8.45 13.19
C MET B 386 -9.54 7.76 11.86
N GLY C 1 -17.21 -13.68 19.24
CA GLY C 1 -17.23 -12.72 18.13
C GLY C 1 -16.80 -13.47 16.85
N VAL C 2 -16.50 -12.72 15.83
CA VAL C 2 -16.10 -13.23 14.54
C VAL C 2 -14.62 -13.56 14.45
N VAL C 3 -14.28 -14.69 13.82
CA VAL C 3 -12.91 -15.06 13.59
C VAL C 3 -12.59 -15.08 12.10
N ARG C 4 -11.32 -14.99 11.77
CA ARG C 4 -10.88 -14.95 10.40
C ARG C 4 -9.60 -15.69 10.24
N GLY C 5 -9.32 -16.06 9.00
CA GLY C 5 -8.09 -16.74 8.65
C GLY C 5 -7.87 -16.81 7.15
N ALA C 6 -6.66 -17.11 6.72
CA ALA C 6 -6.30 -17.25 5.33
C ALA C 6 -5.25 -18.37 5.20
N GLY D 1 -9.01 27.33 -2.36
CA GLY D 1 -8.71 26.32 -1.32
C GLY D 1 -7.18 26.19 -1.20
N VAL D 2 -6.73 25.15 -0.56
CA VAL D 2 -5.33 24.84 -0.38
C VAL D 2 -4.75 24.12 -1.60
N VAL D 3 -3.55 24.46 -2.02
CA VAL D 3 -2.90 23.75 -3.10
C VAL D 3 -1.70 23.00 -2.55
N ARG D 4 -1.30 21.94 -3.22
CA ARG D 4 -0.20 21.10 -2.82
C ARG D 4 0.70 20.72 -4.00
N GLY D 5 1.94 20.38 -3.71
CA GLY D 5 2.88 19.96 -4.71
C GLY D 5 4.08 19.21 -4.16
N ALA D 6 4.72 18.40 -4.99
CA ALA D 6 5.91 17.65 -4.65
C ALA D 6 6.87 17.63 -5.86
#